data_6MM6
#
_entry.id   6MM6
#
_cell.length_a   58.451
_cell.length_b   74.944
_cell.length_c   88.690
_cell.angle_alpha   105.510
_cell.angle_beta   90.140
_cell.angle_gamma   94.390
#
_symmetry.space_group_name_H-M   'P 1'
#
loop_
_entity.id
_entity.type
_entity.pdbx_description
1 polymer 'cAMP-dependent protein kinase catalytic subunit alpha'
2 polymer 'Ryanodine receptor 2'
3 non-polymer 'ACETATE ION'
4 non-polymer 'PHOSPHOAMINOPHOSPHONIC ACID-ADENYLATE ESTER'
5 non-polymer 'TRIETHYLENE GLYCOL'
6 non-polymer 'CHLORIDE ION'
7 non-polymer 1,2-ETHANEDIOL
8 water water
#
loop_
_entity_poly.entity_id
_entity_poly.type
_entity_poly.pdbx_seq_one_letter_code
_entity_poly.pdbx_strand_id
1 'polypeptide(L)'
;SNAVKEFLAKAKEDFLKKWETPSQNTAQLDQFDRIKTLGTGSFGRVMLVKHKESGNHYAMKILDKQKVVKLKQIEHTLNE
KRILQAVNFPFLVKLEFSFKDNSNLYMVMEYVAGGEMFSHLRRIGRFSEPHARFYAAQIVLTFEYLHSLDLIYRDLKPEN
LLIDQQGYIQVTDFGFAKRVKGRTW(TPO)LCGTPEYLAPEIILSKGYNKAVDWWALGVLIYEMAAGYPPFFADQPIQIY
EKIVSGKVRFPSHFSSDLKDLLRNLLQVDLTKRFGNLKNGVNDIKNHKWFATTDWIAIYQRKVEAPFIPKFKGPGDTSNF
DDYEEEEIRV(SEP)INEKCGKEFTEF
;
C,E
2 'polypeptide(L)'
;SNANFNPQPVDTSNITIPEKLEYFINKYAEHSHDKWSMDKLANGWIYGEIYSDSSKIQPLMKPYKLLSEKEKEIYRWPIK
ESLKTMLAWGWRIERTREGDSMALYNRTRRISQTSQVSIDAAHGYSPRAIDMSNVTLSRDLHAMAEMMAENYHNIWAKKK
KLELESKGGGNHPLLVPYDTLTAAEKAKDREKAQDIFKFLQISGYVVSR
;
F,D
#
loop_
_chem_comp.id
_chem_comp.type
_chem_comp.name
_chem_comp.formula
ACT non-polymer 'ACETATE ION' 'C2 H3 O2 -1'
ANP non-polymer 'PHOSPHOAMINOPHOSPHONIC ACID-ADENYLATE ESTER' 'C10 H17 N6 O12 P3'
CL non-polymer 'CHLORIDE ION' 'Cl -1'
EDO non-polymer 1,2-ETHANEDIOL 'C2 H6 O2'
PGE non-polymer 'TRIETHYLENE GLYCOL' 'C6 H14 O4'
#
# COMPACT_ATOMS: atom_id res chain seq x y z
N PHE A 7 -1.27 -20.54 -31.52
CA PHE A 7 -2.31 -20.97 -30.53
C PHE A 7 -1.73 -21.00 -29.10
N LEU A 8 -1.04 -19.93 -28.66
CA LEU A 8 -0.55 -19.75 -27.24
C LEU A 8 -1.45 -18.76 -26.45
N ALA A 9 -2.76 -18.79 -26.74
CA ALA A 9 -3.85 -18.41 -25.81
C ALA A 9 -4.02 -19.51 -24.75
N LYS A 10 -3.25 -20.60 -24.87
CA LYS A 10 -3.14 -21.70 -23.88
C LYS A 10 -2.14 -21.31 -22.77
N ALA A 11 -1.04 -20.62 -23.09
CA ALA A 11 -0.09 -20.08 -22.10
C ALA A 11 -0.82 -19.09 -21.16
N LYS A 12 -1.66 -18.23 -21.75
CA LYS A 12 -2.51 -17.22 -21.06
C LYS A 12 -3.60 -17.93 -20.21
N GLU A 13 -4.32 -18.90 -20.78
CA GLU A 13 -5.43 -19.66 -20.13
C GLU A 13 -4.86 -20.33 -18.86
N ASP A 14 -3.67 -20.92 -18.97
CA ASP A 14 -3.04 -21.73 -17.90
C ASP A 14 -2.50 -20.79 -16.82
N PHE A 15 -1.79 -19.73 -17.20
CA PHE A 15 -1.33 -18.68 -16.25
C PHE A 15 -2.53 -18.21 -15.41
N LEU A 16 -3.64 -17.92 -16.07
CA LEU A 16 -4.86 -17.34 -15.45
C LEU A 16 -5.48 -18.34 -14.46
N LYS A 17 -5.48 -19.66 -14.73
CA LYS A 17 -5.98 -20.68 -13.77
C LYS A 17 -5.15 -20.58 -12.49
N LYS A 18 -3.83 -20.55 -12.65
CA LYS A 18 -2.89 -20.55 -11.52
C LYS A 18 -2.92 -19.18 -10.82
N TRP A 19 -3.08 -18.10 -11.58
CA TRP A 19 -3.20 -16.73 -11.00
C TRP A 19 -4.47 -16.66 -10.12
N GLU A 20 -5.57 -17.27 -10.58
CA GLU A 20 -6.92 -17.21 -9.94
C GLU A 20 -6.97 -18.18 -8.75
N THR A 21 -6.27 -19.31 -8.82
CA THR A 21 -6.20 -20.33 -7.75
C THR A 21 -4.76 -20.73 -7.55
N PRO A 22 -3.94 -19.91 -6.86
CA PRO A 22 -2.55 -20.25 -6.63
C PRO A 22 -2.39 -21.56 -5.83
N SER A 23 -1.46 -22.41 -6.28
CA SER A 23 -1.07 -23.67 -5.60
C SER A 23 -0.46 -23.34 -4.24
N GLN A 24 -0.88 -24.05 -3.19
CA GLN A 24 -0.51 -23.83 -1.76
C GLN A 24 -0.14 -25.18 -1.15
N ASN A 25 0.93 -25.22 -0.33
CA ASN A 25 1.39 -26.42 0.42
C ASN A 25 1.43 -27.63 -0.51
N THR A 26 2.20 -27.53 -1.60
CA THR A 26 2.36 -28.58 -2.64
C THR A 26 3.42 -29.60 -2.22
N ALA A 27 4.12 -29.35 -1.11
CA ALA A 27 5.03 -30.33 -0.45
C ALA A 27 5.11 -30.01 1.04
N GLN A 28 5.82 -30.83 1.82
CA GLN A 28 6.10 -30.52 3.26
C GLN A 28 7.55 -30.90 3.54
N LEU A 29 8.09 -30.40 4.65
CA LEU A 29 9.53 -30.51 5.03
C LEU A 29 9.97 -31.98 5.10
N ASP A 30 9.12 -32.87 5.62
CA ASP A 30 9.46 -34.30 5.91
C ASP A 30 9.63 -35.07 4.60
N GLN A 31 9.30 -34.46 3.45
CA GLN A 31 9.44 -35.10 2.12
C GLN A 31 10.84 -34.86 1.53
N PHE A 32 11.70 -34.06 2.16
CA PHE A 32 13.06 -33.72 1.63
C PHE A 32 14.16 -34.14 2.60
N ASP A 33 15.20 -34.78 2.07
CA ASP A 33 16.49 -34.99 2.76
C ASP A 33 17.28 -33.68 2.65
N ARG A 34 17.84 -33.18 3.76
CA ARG A 34 18.68 -31.95 3.76
C ARG A 34 20.13 -32.37 3.55
N ILE A 35 20.73 -32.01 2.42
CA ILE A 35 22.13 -32.41 2.08
C ILE A 35 23.09 -31.43 2.76
N LYS A 36 23.00 -30.14 2.39
CA LYS A 36 23.91 -29.10 2.92
C LYS A 36 23.34 -27.71 2.62
N THR A 37 23.85 -26.72 3.33
CA THR A 37 23.53 -25.28 3.12
C THR A 37 24.29 -24.85 1.88
N LEU A 38 23.63 -24.23 0.90
CA LEU A 38 24.26 -23.71 -0.33
C LEU A 38 24.75 -22.28 -0.11
N GLY A 39 24.17 -21.54 0.84
CA GLY A 39 24.38 -20.08 0.94
C GLY A 39 23.31 -19.40 1.78
N THR A 40 23.46 -18.11 2.01
CA THR A 40 22.51 -17.33 2.84
C THR A 40 21.83 -16.27 1.99
N GLY A 41 20.51 -16.15 2.15
CA GLY A 41 19.67 -15.11 1.53
C GLY A 41 19.35 -14.01 2.52
N SER A 42 18.42 -13.12 2.13
CA SER A 42 17.97 -11.96 2.94
C SER A 42 17.30 -12.46 4.23
N PHE A 43 16.52 -13.53 4.14
CA PHE A 43 15.57 -13.96 5.19
C PHE A 43 15.94 -15.33 5.77
N GLY A 44 16.97 -15.97 5.21
CA GLY A 44 17.47 -17.26 5.72
C GLY A 44 18.27 -18.00 4.67
N ARG A 45 18.55 -19.27 4.96
CA ARG A 45 19.45 -20.14 4.17
C ARG A 45 18.70 -20.66 2.95
N VAL A 46 19.48 -21.02 1.93
CA VAL A 46 19.10 -21.89 0.79
C VAL A 46 19.81 -23.21 1.03
N MET A 47 19.10 -24.33 1.00
CA MET A 47 19.67 -25.66 1.30
C MET A 47 19.50 -26.58 0.10
N LEU A 48 20.57 -27.29 -0.24
CA LEU A 48 20.50 -28.39 -1.24
C LEU A 48 19.71 -29.53 -0.60
N VAL A 49 18.60 -29.91 -1.20
CA VAL A 49 17.73 -31.00 -0.67
C VAL A 49 17.52 -32.03 -1.78
N LYS A 50 17.27 -33.27 -1.39
CA LYS A 50 16.87 -34.38 -2.27
C LYS A 50 15.41 -34.70 -1.96
N HIS A 51 14.52 -34.54 -2.94
CA HIS A 51 13.12 -34.99 -2.85
C HIS A 51 13.13 -36.51 -2.67
N LYS A 52 12.64 -36.99 -1.52
CA LYS A 52 12.80 -38.39 -1.04
C LYS A 52 12.20 -39.36 -2.07
N GLU A 53 11.04 -39.02 -2.63
CA GLU A 53 10.26 -39.86 -3.57
C GLU A 53 10.96 -40.00 -4.92
N SER A 54 11.31 -38.86 -5.52
CA SER A 54 11.78 -38.74 -6.93
C SER A 54 13.29 -38.97 -7.00
N GLY A 55 14.05 -38.50 -6.00
CA GLY A 55 15.54 -38.51 -6.01
C GLY A 55 16.12 -37.22 -6.57
N ASN A 56 15.30 -36.32 -7.11
CA ASN A 56 15.79 -35.05 -7.70
C ASN A 56 16.31 -34.16 -6.58
N HIS A 57 17.32 -33.35 -6.87
CA HIS A 57 17.87 -32.31 -5.96
C HIS A 57 17.20 -30.98 -6.28
N TYR A 58 17.02 -30.14 -5.26
CA TYR A 58 16.44 -28.78 -5.40
C TYR A 58 17.17 -27.83 -4.46
N ALA A 59 16.99 -26.54 -4.71
CA ALA A 59 17.43 -25.45 -3.83
C ALA A 59 16.21 -24.98 -3.05
N MET A 60 16.18 -25.26 -1.75
CA MET A 60 15.07 -24.88 -0.85
C MET A 60 15.46 -23.57 -0.19
N LYS A 61 14.78 -22.49 -0.54
CA LYS A 61 14.97 -21.18 0.12
C LYS A 61 14.05 -21.18 1.34
N ILE A 62 14.63 -20.98 2.53
CA ILE A 62 13.88 -20.86 3.80
C ILE A 62 13.78 -19.37 4.14
N LEU A 63 12.56 -18.83 4.11
CA LEU A 63 12.26 -17.43 4.50
C LEU A 63 11.61 -17.44 5.88
N ASP A 64 12.30 -16.92 6.89
CA ASP A 64 11.79 -16.68 8.26
C ASP A 64 10.70 -15.61 8.16
N LYS A 65 9.46 -15.93 8.53
CA LYS A 65 8.32 -14.99 8.42
C LYS A 65 8.61 -13.74 9.25
N GLN A 66 9.13 -13.92 10.47
CA GLN A 66 9.36 -12.79 11.40
C GLN A 66 10.36 -11.82 10.75
N LYS A 67 11.38 -12.35 10.05
CA LYS A 67 12.41 -11.50 9.40
C LYS A 67 11.77 -10.76 8.22
N VAL A 68 10.99 -11.46 7.38
CA VAL A 68 10.32 -10.87 6.19
C VAL A 68 9.46 -9.69 6.65
N VAL A 69 8.71 -9.84 7.75
CA VAL A 69 7.85 -8.75 8.30
C VAL A 69 8.76 -7.60 8.76
N LYS A 70 9.77 -7.89 9.57
CA LYS A 70 10.70 -6.89 10.16
C LYS A 70 11.32 -6.03 9.05
N LEU A 71 11.71 -6.64 7.92
CA LEU A 71 12.37 -5.94 6.78
C LEU A 71 11.31 -5.37 5.82
N LYS A 72 10.02 -5.48 6.16
CA LYS A 72 8.88 -4.95 5.35
C LYS A 72 8.94 -5.48 3.90
N GLN A 73 9.20 -6.76 3.70
CA GLN A 73 9.27 -7.43 2.37
C GLN A 73 8.08 -8.39 2.19
N ILE A 74 6.96 -8.15 2.89
CA ILE A 74 5.79 -9.06 2.87
C ILE A 74 5.19 -9.08 1.47
N GLU A 75 4.79 -7.91 0.96
CA GLU A 75 4.09 -7.78 -0.34
C GLU A 75 4.97 -8.40 -1.42
N HIS A 76 6.28 -8.13 -1.38
CA HIS A 76 7.24 -8.56 -2.43
C HIS A 76 7.34 -10.08 -2.42
N THR A 77 7.54 -10.68 -1.25
CA THR A 77 7.61 -12.16 -1.04
C THR A 77 6.32 -12.80 -1.61
N LEU A 78 5.15 -12.30 -1.21
CA LEU A 78 3.83 -12.88 -1.62
C LEU A 78 3.71 -12.78 -3.13
N ASN A 79 3.98 -11.59 -3.66
CA ASN A 79 3.89 -11.28 -5.11
C ASN A 79 4.83 -12.23 -5.86
N GLU A 80 6.09 -12.31 -5.44
CA GLU A 80 7.10 -13.15 -6.14
C GLU A 80 6.56 -14.58 -6.22
N LYS A 81 6.18 -15.17 -5.09
CA LYS A 81 5.69 -16.57 -5.06
C LYS A 81 4.47 -16.70 -5.98
N ARG A 82 3.55 -15.77 -5.91
CA ARG A 82 2.30 -15.86 -6.66
C ARG A 82 2.57 -15.86 -8.18
N ILE A 83 3.47 -14.99 -8.63
CA ILE A 83 3.88 -14.93 -10.07
C ILE A 83 4.56 -16.26 -10.42
N LEU A 84 5.54 -16.68 -9.62
CA LEU A 84 6.38 -17.87 -9.95
C LEU A 84 5.55 -19.16 -10.02
N GLN A 85 4.41 -19.26 -9.35
CA GLN A 85 3.62 -20.52 -9.41
C GLN A 85 2.66 -20.47 -10.61
N ALA A 86 2.54 -19.33 -11.26
CA ALA A 86 1.63 -19.13 -12.40
C ALA A 86 2.38 -19.21 -13.75
N VAL A 87 3.63 -18.74 -13.82
CA VAL A 87 4.38 -18.55 -15.09
C VAL A 87 5.04 -19.85 -15.53
N ASN A 88 5.33 -19.94 -16.81
CA ASN A 88 6.05 -21.09 -17.43
C ASN A 88 6.72 -20.60 -18.72
N PHE A 89 8.05 -20.46 -18.67
CA PHE A 89 8.86 -19.92 -19.78
C PHE A 89 10.31 -20.32 -19.57
N PRO A 90 11.03 -20.73 -20.63
CA PRO A 90 12.39 -21.24 -20.47
C PRO A 90 13.41 -20.35 -19.73
N PHE A 91 13.23 -19.03 -19.69
CA PHE A 91 14.21 -18.11 -19.06
C PHE A 91 13.66 -17.53 -17.75
N LEU A 92 12.71 -18.21 -17.10
CA LEU A 92 12.27 -17.91 -15.72
C LEU A 92 12.68 -19.08 -14.82
N VAL A 93 13.35 -18.79 -13.70
CA VAL A 93 13.60 -19.80 -12.62
C VAL A 93 12.29 -20.54 -12.35
N LYS A 94 12.38 -21.85 -12.16
CA LYS A 94 11.22 -22.76 -11.95
C LYS A 94 11.04 -22.98 -10.46
N LEU A 95 9.93 -22.49 -9.90
CA LEU A 95 9.46 -22.84 -8.54
C LEU A 95 8.85 -24.25 -8.60
N GLU A 96 9.46 -25.23 -7.96
CA GLU A 96 9.03 -26.65 -8.07
C GLU A 96 7.93 -26.93 -7.03
N PHE A 97 8.08 -26.43 -5.79
CA PHE A 97 7.08 -26.54 -4.69
C PHE A 97 7.21 -25.36 -3.75
N SER A 98 6.11 -25.03 -3.07
CA SER A 98 6.08 -24.04 -1.97
C SER A 98 5.22 -24.60 -0.86
N PHE A 99 5.59 -24.31 0.37
CA PHE A 99 4.74 -24.56 1.55
C PHE A 99 5.15 -23.58 2.65
N LYS A 100 4.36 -23.54 3.72
CA LYS A 100 4.69 -22.77 4.94
C LYS A 100 4.46 -23.66 6.15
N ASP A 101 5.05 -23.24 7.27
CA ASP A 101 4.84 -23.88 8.60
C ASP A 101 4.81 -22.72 9.61
N ASN A 102 4.75 -23.05 10.91
CA ASN A 102 4.62 -22.04 11.98
C ASN A 102 5.67 -20.93 11.83
N SER A 103 6.88 -21.26 11.39
CA SER A 103 8.07 -20.36 11.44
C SER A 103 8.43 -19.78 10.06
N ASN A 104 8.39 -20.57 8.97
CA ASN A 104 9.07 -20.21 7.70
C ASN A 104 8.13 -20.32 6.49
N LEU A 105 8.44 -19.59 5.43
CA LEU A 105 8.01 -19.86 4.03
C LEU A 105 9.10 -20.69 3.36
N TYR A 106 8.74 -21.57 2.44
CA TYR A 106 9.66 -22.47 1.70
C TYR A 106 9.37 -22.33 0.20
N MET A 107 10.40 -21.90 -0.55
CA MET A 107 10.42 -21.84 -2.03
C MET A 107 11.40 -22.90 -2.54
N VAL A 108 10.88 -24.03 -3.01
CA VAL A 108 11.73 -25.15 -3.46
C VAL A 108 11.98 -24.93 -4.94
N MET A 109 13.13 -24.34 -5.26
CA MET A 109 13.51 -23.92 -6.64
C MET A 109 14.25 -25.06 -7.31
N GLU A 110 14.18 -25.09 -8.64
CA GLU A 110 15.09 -25.91 -9.48
C GLU A 110 16.52 -25.58 -9.09
N TYR A 111 17.32 -26.61 -8.83
CA TYR A 111 18.76 -26.50 -8.48
C TYR A 111 19.53 -26.16 -9.75
N VAL A 112 20.06 -24.94 -9.78
CA VAL A 112 20.76 -24.36 -10.96
C VAL A 112 22.19 -24.03 -10.52
N ALA A 113 23.14 -24.92 -10.80
CA ALA A 113 24.59 -24.75 -10.51
C ALA A 113 25.20 -23.93 -11.63
N GLY A 114 24.80 -22.67 -11.76
CA GLY A 114 25.29 -21.77 -12.81
C GLY A 114 26.23 -20.74 -12.23
N GLY A 115 26.21 -19.55 -12.82
CA GLY A 115 26.89 -18.35 -12.35
C GLY A 115 25.93 -17.18 -12.36
N GLU A 116 26.45 -16.01 -12.01
CA GLU A 116 25.68 -14.76 -11.89
C GLU A 116 26.06 -13.89 -13.07
N MET A 117 25.08 -13.31 -13.76
CA MET A 117 25.36 -12.39 -14.89
C MET A 117 26.18 -11.22 -14.35
N PHE A 118 25.77 -10.67 -13.21
CA PHE A 118 26.41 -9.47 -12.63
C PHE A 118 27.92 -9.69 -12.50
N SER A 119 28.35 -10.81 -11.92
CA SER A 119 29.77 -11.07 -11.59
C SER A 119 30.55 -11.49 -12.85
N HIS A 120 29.91 -12.19 -13.78
CA HIS A 120 30.51 -12.55 -15.10
C HIS A 120 30.75 -11.24 -15.91
N LEU A 121 29.76 -10.36 -16.00
CA LEU A 121 29.89 -9.07 -16.72
C LEU A 121 31.03 -8.27 -16.09
N ARG A 122 31.02 -8.11 -14.77
CA ARG A 122 32.01 -7.27 -14.04
C ARG A 122 33.43 -7.86 -14.20
N ARG A 123 33.57 -9.18 -14.19
CA ARG A 123 34.88 -9.88 -14.28
C ARG A 123 35.46 -9.76 -15.70
N ILE A 124 34.65 -10.02 -16.73
CA ILE A 124 35.07 -9.95 -18.15
C ILE A 124 35.32 -8.49 -18.52
N GLY A 125 34.55 -7.58 -17.91
CA GLY A 125 34.58 -6.13 -18.16
C GLY A 125 33.42 -5.73 -19.06
N ARG A 126 33.34 -6.32 -20.25
CA ARG A 126 32.22 -6.03 -21.20
C ARG A 126 32.08 -7.24 -22.11
N PHE A 127 30.95 -7.36 -22.77
CA PHE A 127 30.65 -8.46 -23.73
C PHE A 127 30.73 -7.93 -25.15
N SER A 128 31.17 -8.79 -26.07
CA SER A 128 31.10 -8.61 -27.53
C SER A 128 29.63 -8.41 -27.91
N GLU A 129 29.37 -7.70 -29.01
CA GLU A 129 27.99 -7.42 -29.48
C GLU A 129 27.29 -8.75 -29.70
N PRO A 130 27.91 -9.76 -30.36
CA PRO A 130 27.26 -11.04 -30.60
C PRO A 130 26.91 -11.75 -29.29
N HIS A 131 27.70 -11.58 -28.23
CA HIS A 131 27.45 -12.21 -26.90
C HIS A 131 26.36 -11.42 -26.16
N ALA A 132 26.45 -10.09 -26.13
CA ALA A 132 25.37 -9.21 -25.61
C ALA A 132 24.04 -9.58 -26.29
N ARG A 133 24.08 -9.82 -27.60
CA ARG A 133 22.87 -10.03 -28.43
C ARG A 133 22.23 -11.37 -28.06
N PHE A 134 23.05 -12.38 -27.82
CA PHE A 134 22.62 -13.73 -27.38
C PHE A 134 21.81 -13.59 -26.09
N TYR A 135 22.34 -12.90 -25.08
CA TYR A 135 21.64 -12.66 -23.79
C TYR A 135 20.41 -11.77 -24.00
N ALA A 136 20.53 -10.73 -24.82
CA ALA A 136 19.46 -9.72 -24.99
C ALA A 136 18.25 -10.38 -25.62
N ALA A 137 18.46 -11.33 -26.51
CA ALA A 137 17.37 -12.02 -27.23
C ALA A 137 16.55 -12.86 -26.24
N GLN A 138 17.18 -13.39 -25.21
CA GLN A 138 16.47 -14.19 -24.17
C GLN A 138 15.55 -13.24 -23.39
N ILE A 139 16.05 -12.04 -23.07
CA ILE A 139 15.25 -11.01 -22.35
C ILE A 139 14.10 -10.57 -23.28
N VAL A 140 14.35 -10.42 -24.58
CA VAL A 140 13.28 -9.92 -25.48
C VAL A 140 12.13 -10.92 -25.47
N LEU A 141 12.42 -12.20 -25.65
CA LEU A 141 11.40 -13.27 -25.66
C LEU A 141 10.71 -13.35 -24.28
N THR A 142 11.44 -13.13 -23.19
CA THR A 142 10.90 -13.18 -21.81
C THR A 142 9.89 -12.05 -21.63
N PHE A 143 10.24 -10.83 -22.05
CA PHE A 143 9.34 -9.65 -21.90
C PHE A 143 8.12 -9.83 -22.78
N GLU A 144 8.26 -10.45 -23.95
CA GLU A 144 7.12 -10.79 -24.82
C GLU A 144 6.16 -11.70 -24.04
N TYR A 145 6.70 -12.68 -23.32
CA TYR A 145 5.87 -13.64 -22.54
C TYR A 145 5.19 -12.84 -21.43
N LEU A 146 5.99 -12.19 -20.59
CA LEU A 146 5.46 -11.49 -19.39
C LEU A 146 4.39 -10.49 -19.83
N HIS A 147 4.66 -9.70 -20.88
CA HIS A 147 3.73 -8.64 -21.33
C HIS A 147 2.43 -9.24 -21.81
N SER A 148 2.44 -10.44 -22.39
CA SER A 148 1.21 -11.11 -22.91
C SER A 148 0.34 -11.57 -21.73
N LEU A 149 0.89 -11.55 -20.53
CA LEU A 149 0.17 -11.87 -19.26
C LEU A 149 -0.07 -10.58 -18.45
N ASP A 150 0.15 -9.39 -19.03
CA ASP A 150 -0.13 -8.09 -18.36
C ASP A 150 0.78 -7.91 -17.12
N LEU A 151 1.96 -8.54 -17.16
CA LEU A 151 3.02 -8.45 -16.13
C LEU A 151 4.08 -7.44 -16.59
N ILE A 152 4.30 -6.38 -15.80
CA ILE A 152 5.42 -5.41 -15.97
C ILE A 152 6.54 -5.87 -15.04
N TYR A 153 7.67 -6.32 -15.58
CA TYR A 153 8.80 -6.83 -14.78
C TYR A 153 9.37 -5.70 -13.91
N ARG A 154 9.62 -4.54 -14.55
CA ARG A 154 10.13 -3.27 -14.00
C ARG A 154 11.31 -3.43 -13.04
N ASP A 155 12.14 -4.47 -13.17
CA ASP A 155 13.34 -4.58 -12.31
C ASP A 155 14.54 -5.17 -13.08
N LEU A 156 14.59 -5.06 -14.42
CA LEU A 156 15.71 -5.63 -15.18
C LEU A 156 17.03 -5.00 -14.72
N LYS A 157 18.06 -5.82 -14.67
CA LYS A 157 19.46 -5.45 -14.41
C LYS A 157 20.23 -6.74 -14.28
N PRO A 158 21.56 -6.75 -14.51
CA PRO A 158 22.36 -7.98 -14.47
C PRO A 158 22.20 -8.79 -13.17
N GLU A 159 22.07 -8.11 -12.03
CA GLU A 159 21.92 -8.72 -10.68
C GLU A 159 20.74 -9.71 -10.66
N ASN A 160 19.72 -9.48 -11.50
CA ASN A 160 18.46 -10.25 -11.54
C ASN A 160 18.54 -11.39 -12.56
N LEU A 161 19.72 -11.65 -13.12
CA LEU A 161 19.91 -12.64 -14.21
C LEU A 161 21.03 -13.59 -13.80
N LEU A 162 20.77 -14.90 -13.83
CA LEU A 162 21.81 -15.92 -13.62
C LEU A 162 22.00 -16.62 -14.95
N ILE A 163 23.13 -17.29 -15.09
CA ILE A 163 23.53 -18.06 -16.29
C ILE A 163 23.53 -19.52 -15.87
N ASP A 164 22.63 -20.34 -16.43
CA ASP A 164 22.46 -21.76 -16.03
C ASP A 164 23.62 -22.57 -16.62
N GLN A 165 23.53 -23.90 -16.59
CA GLN A 165 24.66 -24.81 -16.92
C GLN A 165 24.80 -24.92 -18.44
N GLN A 166 23.78 -24.49 -19.21
CA GLN A 166 23.78 -24.43 -20.70
C GLN A 166 24.25 -23.05 -21.19
N GLY A 167 24.51 -22.12 -20.27
CA GLY A 167 24.95 -20.74 -20.59
C GLY A 167 23.80 -19.85 -20.99
N TYR A 168 22.56 -20.26 -20.72
CA TYR A 168 21.34 -19.45 -21.00
C TYR A 168 20.89 -18.70 -19.73
N ILE A 169 20.09 -17.65 -19.96
CA ILE A 169 19.58 -16.73 -18.92
C ILE A 169 18.43 -17.41 -18.15
N GLN A 170 18.36 -17.15 -16.86
CA GLN A 170 17.10 -17.30 -16.08
C GLN A 170 16.91 -16.05 -15.21
N VAL A 171 15.75 -15.41 -15.35
CA VAL A 171 15.33 -14.29 -14.47
C VAL A 171 15.03 -14.90 -13.10
N THR A 172 15.61 -14.32 -12.05
CA THR A 172 15.70 -14.96 -10.71
C THR A 172 14.82 -14.23 -9.70
N ASP A 173 14.24 -13.07 -10.02
CA ASP A 173 13.61 -12.19 -9.01
C ASP A 173 12.33 -11.57 -9.57
N PHE A 174 11.18 -11.73 -8.86
CA PHE A 174 9.88 -11.17 -9.29
C PHE A 174 9.25 -10.33 -8.19
N GLY A 175 10.02 -9.89 -7.20
CA GLY A 175 9.54 -9.06 -6.08
C GLY A 175 8.79 -7.83 -6.54
N PHE A 176 9.29 -7.14 -7.56
CA PHE A 176 8.81 -5.80 -8.01
C PHE A 176 7.75 -5.93 -9.10
N ALA A 177 7.78 -7.01 -9.87
CA ALA A 177 6.87 -7.20 -11.03
C ALA A 177 5.43 -6.98 -10.56
N LYS A 178 4.64 -6.31 -11.40
CA LYS A 178 3.22 -6.07 -11.11
C LYS A 178 2.37 -6.55 -12.28
N ARG A 179 1.31 -7.29 -12.00
CA ARG A 179 0.27 -7.57 -13.00
C ARG A 179 -0.68 -6.37 -12.99
N VAL A 180 -0.91 -5.77 -14.14
CA VAL A 180 -1.77 -4.57 -14.29
C VAL A 180 -2.04 -4.39 -15.79
N LYS A 181 -3.27 -4.03 -16.14
CA LYS A 181 -3.71 -3.96 -17.55
C LYS A 181 -3.15 -2.67 -18.18
N GLY A 182 -3.45 -1.52 -17.59
CA GLY A 182 -3.06 -0.20 -18.16
C GLY A 182 -1.82 0.36 -17.51
N ARG A 183 -1.97 1.48 -16.79
CA ARG A 183 -0.86 2.21 -16.12
C ARG A 183 -0.81 1.84 -14.64
N THR A 184 0.32 2.18 -14.02
CA THR A 184 0.61 2.09 -12.57
C THR A 184 1.56 3.23 -12.23
N TRP A 185 1.81 3.50 -10.95
CA TRP A 185 2.53 4.73 -10.51
C TRP A 185 3.69 4.47 -9.56
N TPO A 186 3.96 3.22 -9.14
CA TPO A 186 4.86 3.09 -8.01
CB TPO A 186 4.84 1.71 -7.32
CG2 TPO A 186 5.66 1.72 -6.06
OG1 TPO A 186 3.46 1.38 -6.95
P TPO A 186 2.69 0.21 -7.73
O1P TPO A 186 3.29 -1.05 -7.17
O2P TPO A 186 2.96 0.37 -9.20
O3P TPO A 186 1.25 0.43 -7.40
C TPO A 186 6.28 3.43 -8.45
O TPO A 186 6.83 2.81 -9.36
N LEU A 187 6.88 4.41 -7.76
CA LEU A 187 8.29 4.70 -7.88
C LEU A 187 9.06 3.52 -7.31
N CYS A 188 9.61 2.66 -8.16
CA CYS A 188 10.43 1.53 -7.68
C CYS A 188 11.42 1.07 -8.75
N GLY A 189 12.51 0.46 -8.28
CA GLY A 189 13.61 -0.08 -9.10
C GLY A 189 14.94 0.39 -8.55
N THR A 190 15.97 0.44 -9.39
CA THR A 190 17.29 1.04 -9.04
C THR A 190 17.56 2.20 -9.99
N PRO A 191 18.17 3.31 -9.51
CA PRO A 191 18.31 4.55 -10.28
C PRO A 191 18.79 4.40 -11.73
N GLU A 192 19.90 3.69 -11.95
CA GLU A 192 20.52 3.51 -13.28
C GLU A 192 19.51 2.91 -14.26
N TYR A 193 18.51 2.14 -13.80
CA TYR A 193 17.57 1.40 -14.69
C TYR A 193 16.15 1.98 -14.68
N LEU A 194 15.92 3.10 -14.01
CA LEU A 194 14.59 3.77 -14.01
C LEU A 194 14.29 4.38 -15.38
N ALA A 195 13.15 4.01 -15.96
CA ALA A 195 12.57 4.69 -17.14
C ALA A 195 12.15 6.10 -16.77
N PRO A 196 12.27 7.07 -17.71
CA PRO A 196 11.95 8.46 -17.39
C PRO A 196 10.49 8.65 -16.98
N GLU A 197 9.54 7.94 -17.60
CA GLU A 197 8.10 8.10 -17.24
C GLU A 197 7.87 7.68 -15.79
N ILE A 198 8.69 6.77 -15.21
CA ILE A 198 8.65 6.43 -13.76
C ILE A 198 9.14 7.64 -12.96
N ILE A 199 10.27 8.24 -13.32
CA ILE A 199 10.85 9.42 -12.60
C ILE A 199 9.85 10.58 -12.61
N LEU A 200 9.18 10.83 -13.75
CA LEU A 200 8.29 12.00 -13.97
C LEU A 200 6.92 11.83 -13.29
N SER A 201 6.63 10.64 -12.73
CA SER A 201 5.56 10.43 -11.72
C SER A 201 4.16 10.73 -12.26
N LYS A 202 3.94 10.59 -13.58
CA LYS A 202 2.62 10.79 -14.25
C LYS A 202 2.07 9.44 -14.75
N GLY A 203 2.64 8.33 -14.30
CA GLY A 203 2.14 7.00 -14.69
C GLY A 203 2.97 6.42 -15.81
N TYR A 204 3.11 5.10 -15.78
CA TYR A 204 3.88 4.30 -16.77
C TYR A 204 3.18 2.96 -16.95
N ASN A 205 3.64 2.25 -17.98
CA ASN A 205 3.12 0.94 -18.40
C ASN A 205 4.32 0.05 -18.75
N LYS A 206 4.05 -1.02 -19.51
CA LYS A 206 5.02 -2.11 -19.77
C LYS A 206 6.17 -1.61 -20.63
N ALA A 207 6.04 -0.44 -21.24
CA ALA A 207 7.10 0.17 -22.07
C ALA A 207 8.37 0.37 -21.24
N VAL A 208 8.26 0.50 -19.91
CA VAL A 208 9.44 0.72 -19.03
C VAL A 208 10.38 -0.49 -19.12
N ASP A 209 9.86 -1.67 -19.47
CA ASP A 209 10.73 -2.86 -19.61
C ASP A 209 11.64 -2.67 -20.84
N TRP A 210 11.13 -2.14 -21.94
CA TRP A 210 11.92 -1.94 -23.18
C TRP A 210 12.98 -0.86 -22.92
N TRP A 211 12.64 0.17 -22.15
CA TRP A 211 13.64 1.14 -21.65
C TRP A 211 14.78 0.37 -20.99
N ALA A 212 14.43 -0.50 -20.03
CA ALA A 212 15.41 -1.22 -19.19
C ALA A 212 16.22 -2.18 -20.07
N LEU A 213 15.63 -2.77 -21.10
CA LEU A 213 16.37 -3.63 -22.04
C LEU A 213 17.50 -2.77 -22.66
N GLY A 214 17.16 -1.60 -23.21
CA GLY A 214 18.14 -0.64 -23.75
C GLY A 214 19.30 -0.45 -22.78
N VAL A 215 18.98 -0.20 -21.50
CA VAL A 215 20.00 0.05 -20.45
C VAL A 215 20.87 -1.21 -20.29
N LEU A 216 20.26 -2.39 -20.33
CA LEU A 216 21.01 -3.65 -20.11
C LEU A 216 21.94 -3.90 -21.31
N ILE A 217 21.42 -3.79 -22.53
CA ILE A 217 22.22 -4.00 -23.78
C ILE A 217 23.44 -3.08 -23.73
N TYR A 218 23.22 -1.81 -23.42
CA TYR A 218 24.31 -0.80 -23.33
C TYR A 218 25.33 -1.31 -22.33
N GLU A 219 24.87 -1.67 -21.12
CA GLU A 219 25.78 -2.09 -20.02
C GLU A 219 26.53 -3.35 -20.42
N MET A 220 25.88 -4.31 -21.05
CA MET A 220 26.58 -5.52 -21.54
C MET A 220 27.65 -5.12 -22.58
N ALA A 221 27.36 -4.21 -23.51
CA ALA A 221 28.24 -3.92 -24.67
C ALA A 221 29.38 -2.97 -24.28
N ALA A 222 29.16 -2.12 -23.27
CA ALA A 222 30.13 -1.08 -22.83
C ALA A 222 30.87 -1.49 -21.55
N GLY A 223 30.22 -2.27 -20.66
CA GLY A 223 30.76 -2.65 -19.35
C GLY A 223 30.33 -1.70 -18.26
N TYR A 224 29.56 -0.67 -18.61
CA TYR A 224 28.97 0.33 -17.69
C TYR A 224 27.66 0.82 -18.28
N PRO A 225 26.70 1.30 -17.45
CA PRO A 225 25.40 1.69 -17.96
C PRO A 225 25.43 3.09 -18.56
N PRO A 226 24.41 3.46 -19.36
CA PRO A 226 24.37 4.76 -20.03
C PRO A 226 24.33 5.97 -19.07
N PHE A 227 23.60 5.85 -17.97
CA PHE A 227 23.36 6.95 -17.00
C PHE A 227 23.90 6.53 -15.63
N PHE A 228 24.88 7.30 -15.10
CA PHE A 228 25.55 7.02 -13.81
C PHE A 228 26.16 8.32 -13.25
N ALA A 229 26.17 8.42 -11.92
CA ALA A 229 26.62 9.62 -11.17
C ALA A 229 26.75 9.30 -9.68
N ASP A 230 27.35 10.23 -8.92
CA ASP A 230 27.67 10.10 -7.49
C ASP A 230 26.38 10.21 -6.66
N GLN A 231 25.40 10.96 -7.15
CA GLN A 231 24.10 11.20 -6.47
C GLN A 231 22.98 10.82 -7.43
N PRO A 232 21.96 10.09 -6.94
CA PRO A 232 20.82 9.71 -7.78
C PRO A 232 20.19 10.86 -8.58
N ILE A 233 20.08 12.07 -8.00
CA ILE A 233 19.41 13.21 -8.69
C ILE A 233 20.15 13.51 -10.01
N GLN A 234 21.48 13.33 -10.04
CA GLN A 234 22.29 13.54 -11.27
C GLN A 234 21.93 12.46 -12.30
N ILE A 235 21.64 11.25 -11.85
CA ILE A 235 21.25 10.13 -12.76
C ILE A 235 19.86 10.42 -13.34
N TYR A 236 18.94 10.91 -12.52
CA TYR A 236 17.55 11.24 -12.93
C TYR A 236 17.60 12.36 -13.96
N GLU A 237 18.37 13.40 -13.68
CA GLU A 237 18.61 14.53 -14.62
C GLU A 237 19.01 13.95 -15.98
N LYS A 238 20.00 13.04 -16.01
CA LYS A 238 20.55 12.46 -17.26
C LYS A 238 19.46 11.66 -17.99
N ILE A 239 18.73 10.82 -17.25
CA ILE A 239 17.69 9.93 -17.83
C ILE A 239 16.61 10.80 -18.48
N VAL A 240 16.19 11.86 -17.82
CA VAL A 240 14.97 12.62 -18.18
C VAL A 240 15.28 13.57 -19.36
N SER A 241 16.42 14.25 -19.35
CA SER A 241 16.66 15.42 -20.26
C SER A 241 18.13 15.51 -20.66
N GLY A 242 18.95 14.53 -20.26
CA GLY A 242 20.27 14.30 -20.85
C GLY A 242 20.10 13.56 -22.16
N LYS A 243 21.17 13.43 -22.91
CA LYS A 243 21.26 12.47 -24.02
C LYS A 243 22.08 11.29 -23.49
N VAL A 244 22.45 10.39 -24.39
CA VAL A 244 23.35 9.25 -24.13
C VAL A 244 24.61 9.50 -24.94
N ARG A 245 25.74 8.99 -24.47
CA ARG A 245 27.02 8.94 -25.19
C ARG A 245 27.37 7.46 -25.42
N PHE A 246 27.38 7.00 -26.67
CA PHE A 246 27.80 5.64 -27.05
C PHE A 246 29.32 5.60 -27.19
N PRO A 247 30.00 4.55 -26.66
CA PRO A 247 31.43 4.38 -26.90
C PRO A 247 31.64 4.28 -28.42
N SER A 248 32.80 4.67 -28.94
CA SER A 248 33.05 4.71 -30.41
C SER A 248 33.07 3.28 -30.97
N HIS A 249 33.36 2.27 -30.15
CA HIS A 249 33.40 0.84 -30.59
C HIS A 249 31.99 0.33 -30.95
N PHE A 250 30.92 0.95 -30.44
CA PHE A 250 29.53 0.51 -30.71
C PHE A 250 29.26 0.57 -32.22
N SER A 251 28.79 -0.53 -32.78
CA SER A 251 28.30 -0.64 -34.17
C SER A 251 27.18 0.39 -34.36
N SER A 252 26.95 0.84 -35.59
CA SER A 252 25.84 1.77 -35.90
C SER A 252 24.50 1.03 -35.76
N ASP A 253 24.46 -0.28 -36.03
CA ASP A 253 23.26 -1.11 -35.74
C ASP A 253 22.93 -0.96 -34.25
N LEU A 254 23.88 -1.24 -33.35
CA LEU A 254 23.61 -1.18 -31.89
C LEU A 254 23.12 0.22 -31.52
N LYS A 255 23.81 1.27 -31.97
CA LYS A 255 23.48 2.65 -31.56
C LYS A 255 22.06 2.97 -32.02
N ASP A 256 21.68 2.50 -33.20
CA ASP A 256 20.33 2.79 -33.74
C ASP A 256 19.29 2.10 -32.85
N LEU A 257 19.48 0.82 -32.51
CA LEU A 257 18.56 0.08 -31.62
C LEU A 257 18.42 0.84 -30.30
N LEU A 258 19.55 1.20 -29.68
CA LEU A 258 19.58 1.85 -28.34
C LEU A 258 18.89 3.22 -28.39
N ARG A 259 18.97 3.94 -29.51
CA ARG A 259 18.31 5.27 -29.67
C ARG A 259 16.80 5.08 -29.55
N ASN A 260 16.31 3.93 -30.00
CA ASN A 260 14.87 3.60 -30.11
C ASN A 260 14.40 2.84 -28.86
N LEU A 261 15.29 2.20 -28.09
CA LEU A 261 14.95 1.61 -26.77
C LEU A 261 15.08 2.68 -25.68
N LEU A 262 16.20 3.41 -25.65
CA LEU A 262 16.43 4.54 -24.71
C LEU A 262 15.78 5.81 -25.30
N GLN A 263 14.59 5.64 -25.86
CA GLN A 263 13.66 6.70 -26.29
C GLN A 263 12.94 7.21 -25.04
N VAL A 264 13.33 8.41 -24.61
CA VAL A 264 12.75 9.15 -23.45
C VAL A 264 11.24 9.30 -23.62
N ASP A 265 10.72 9.39 -24.85
CA ASP A 265 9.26 9.51 -25.15
C ASP A 265 8.66 8.12 -25.38
N LEU A 266 7.85 7.63 -24.44
CA LEU A 266 7.40 6.21 -24.44
C LEU A 266 6.50 5.96 -25.65
N THR A 267 5.83 6.98 -26.21
CA THR A 267 4.93 6.84 -27.40
C THR A 267 5.75 6.51 -28.65
N LYS A 268 7.08 6.65 -28.60
CA LYS A 268 8.00 6.40 -29.73
C LYS A 268 9.01 5.30 -29.40
N ARG A 269 8.98 4.74 -28.19
CA ARG A 269 9.97 3.72 -27.76
C ARG A 269 9.65 2.40 -28.50
N PHE A 270 10.67 1.73 -29.02
CA PHE A 270 10.55 0.41 -29.68
C PHE A 270 10.07 -0.59 -28.62
N GLY A 271 9.12 -1.45 -29.00
CA GLY A 271 8.40 -2.36 -28.09
C GLY A 271 7.02 -1.83 -27.72
N ASN A 272 6.76 -0.53 -27.91
CA ASN A 272 5.51 0.15 -27.49
C ASN A 272 4.78 0.79 -28.67
N LEU A 273 4.98 0.31 -29.90
CA LEU A 273 4.31 0.83 -31.13
C LEU A 273 3.44 -0.29 -31.69
N LYS A 274 2.78 -0.04 -32.83
CA LYS A 274 1.73 -0.93 -33.40
C LYS A 274 2.31 -2.34 -33.62
N ASN A 275 3.55 -2.47 -34.07
CA ASN A 275 4.20 -3.78 -34.37
C ASN A 275 4.75 -4.40 -33.09
N GLY A 276 4.72 -3.66 -31.98
CA GLY A 276 5.14 -4.15 -30.65
C GLY A 276 6.53 -4.74 -30.66
N VAL A 277 6.65 -6.01 -30.30
CA VAL A 277 7.97 -6.66 -30.05
C VAL A 277 8.68 -6.84 -31.40
N ASN A 278 7.95 -6.88 -32.52
CA ASN A 278 8.54 -7.15 -33.86
C ASN A 278 9.48 -6.01 -34.28
N ASP A 279 9.30 -4.79 -33.79
CA ASP A 279 10.20 -3.66 -34.12
C ASP A 279 11.59 -3.94 -33.56
N ILE A 280 11.69 -4.68 -32.46
CA ILE A 280 12.97 -5.05 -31.81
C ILE A 280 13.53 -6.28 -32.55
N LYS A 281 12.72 -7.32 -32.73
CA LYS A 281 13.12 -8.61 -33.34
C LYS A 281 13.61 -8.38 -34.78
N ASN A 282 12.98 -7.47 -35.51
CA ASN A 282 13.24 -7.21 -36.95
C ASN A 282 14.27 -6.09 -37.13
N HIS A 283 14.77 -5.51 -36.05
CA HIS A 283 15.87 -4.51 -36.09
C HIS A 283 17.12 -5.19 -36.66
N LYS A 284 17.91 -4.44 -37.44
CA LYS A 284 19.21 -4.87 -38.06
C LYS A 284 20.11 -5.59 -37.06
N TRP A 285 20.27 -5.04 -35.86
CA TRP A 285 21.18 -5.59 -34.83
C TRP A 285 20.87 -7.08 -34.63
N PHE A 286 19.60 -7.47 -34.72
CA PHE A 286 19.10 -8.85 -34.42
C PHE A 286 18.90 -9.65 -35.70
N ALA A 287 19.45 -9.19 -36.82
CA ALA A 287 19.25 -9.84 -38.14
C ALA A 287 19.83 -11.27 -38.09
N THR A 288 20.92 -11.50 -37.34
CA THR A 288 21.58 -12.82 -37.27
C THR A 288 20.93 -13.72 -36.21
N THR A 289 20.02 -13.20 -35.38
CA THR A 289 19.41 -13.98 -34.26
C THR A 289 18.31 -14.90 -34.79
N ASP A 290 18.47 -16.22 -34.60
CA ASP A 290 17.39 -17.20 -34.89
C ASP A 290 16.47 -17.27 -33.65
N TRP A 291 15.37 -16.51 -33.65
CA TRP A 291 14.45 -16.33 -32.49
C TRP A 291 13.90 -17.69 -32.03
N ILE A 292 13.42 -18.50 -32.97
CA ILE A 292 12.92 -19.88 -32.67
C ILE A 292 14.02 -20.67 -31.96
N ALA A 293 15.27 -20.62 -32.48
CA ALA A 293 16.41 -21.41 -31.98
C ALA A 293 16.83 -20.97 -30.58
N ILE A 294 16.81 -19.66 -30.31
CA ILE A 294 17.07 -19.11 -28.96
C ILE A 294 16.02 -19.63 -27.96
N TYR A 295 14.75 -19.61 -28.35
CA TYR A 295 13.61 -20.06 -27.52
C TYR A 295 13.80 -21.54 -27.14
N GLN A 296 14.34 -22.33 -28.07
CA GLN A 296 14.52 -23.82 -27.93
C GLN A 296 15.88 -24.14 -27.30
N ARG A 297 16.66 -23.13 -26.93
CA ARG A 297 18.03 -23.31 -26.37
C ARG A 297 18.88 -24.16 -27.33
N LYS A 298 18.79 -23.91 -28.65
CA LYS A 298 19.54 -24.70 -29.68
C LYS A 298 20.77 -23.93 -30.17
N VAL A 299 20.90 -22.65 -29.83
CA VAL A 299 22.12 -21.86 -30.10
C VAL A 299 23.15 -22.20 -29.02
N GLU A 300 24.41 -22.44 -29.42
CA GLU A 300 25.53 -22.68 -28.49
C GLU A 300 25.86 -21.37 -27.77
N ALA A 301 25.83 -21.39 -26.44
CA ALA A 301 26.06 -20.22 -25.56
C ALA A 301 27.53 -19.85 -25.60
N PRO A 302 27.91 -18.57 -25.38
CA PRO A 302 29.32 -18.20 -25.41
C PRO A 302 30.07 -18.45 -24.09
N PHE A 303 29.35 -18.62 -22.98
CA PHE A 303 29.98 -18.85 -21.66
C PHE A 303 29.22 -19.93 -20.90
N ILE A 304 29.94 -20.98 -20.51
CA ILE A 304 29.40 -22.10 -19.68
C ILE A 304 30.03 -21.99 -18.29
N PRO A 305 29.25 -21.70 -17.22
CA PRO A 305 29.84 -21.65 -15.88
C PRO A 305 30.49 -22.99 -15.51
N LYS A 306 31.57 -22.98 -14.70
CA LYS A 306 32.09 -24.21 -14.00
C LYS A 306 31.19 -24.53 -12.80
N PHE A 307 30.92 -25.81 -12.51
CA PHE A 307 29.99 -26.29 -11.44
C PHE A 307 30.76 -27.15 -10.44
N TYR A 319 29.88 -29.57 8.53
CA TYR A 319 30.99 -28.79 9.14
C TYR A 319 30.40 -27.57 9.88
N GLU A 320 29.83 -26.61 9.14
CA GLU A 320 29.09 -25.44 9.70
C GLU A 320 27.59 -25.60 9.37
N GLU A 321 27.02 -26.80 9.62
CA GLU A 321 25.60 -27.10 9.26
C GLU A 321 24.73 -27.00 10.51
N GLU A 322 23.69 -26.15 10.44
CA GLU A 322 22.77 -25.93 11.59
C GLU A 322 21.42 -26.54 11.25
N GLU A 323 20.71 -27.04 12.25
CA GLU A 323 19.38 -27.66 12.08
C GLU A 323 18.34 -26.57 11.78
N ILE A 324 17.19 -26.94 11.24
CA ILE A 324 16.01 -26.05 11.13
C ILE A 324 15.17 -26.28 12.38
N ARG A 325 14.90 -25.25 13.18
CA ARG A 325 13.85 -25.35 14.23
C ARG A 325 12.58 -24.63 13.80
N VAL A 326 11.48 -25.38 13.75
CA VAL A 326 10.11 -24.85 13.54
C VAL A 326 9.41 -24.81 14.90
N SEP A 327 8.89 -23.63 15.21
CA SEP A 327 8.17 -23.38 16.44
CB SEP A 327 7.88 -21.90 16.52
OG SEP A 327 7.12 -21.61 17.69
C SEP A 327 6.91 -24.25 16.49
O SEP A 327 6.42 -24.71 15.46
P SEP A 327 7.86 -21.60 19.14
O1P SEP A 327 9.17 -20.84 18.97
O2P SEP A 327 6.88 -20.93 20.08
O3P SEP A 327 8.01 -23.07 19.45
N ILE A 328 6.40 -24.48 17.70
CA ILE A 328 5.11 -25.14 17.85
C ILE A 328 4.02 -24.07 17.80
N ASN A 329 4.40 -22.80 17.97
CA ASN A 329 3.50 -21.61 17.86
C ASN A 329 3.60 -20.96 16.47
N GLU A 330 2.45 -20.70 15.85
CA GLU A 330 2.32 -20.07 14.52
C GLU A 330 2.81 -18.61 14.62
N LYS A 331 3.69 -18.18 13.70
CA LYS A 331 4.17 -16.77 13.57
C LYS A 331 3.62 -16.17 12.27
N CYS A 332 3.11 -14.94 12.35
CA CYS A 332 2.76 -14.10 11.18
C CYS A 332 1.77 -14.84 10.27
N GLY A 333 0.80 -15.53 10.86
CA GLY A 333 -0.27 -16.25 10.16
C GLY A 333 -1.03 -15.35 9.21
N LYS A 334 -1.50 -14.20 9.71
CA LYS A 334 -2.26 -13.20 8.95
C LYS A 334 -1.46 -12.70 7.74
N GLU A 335 -0.28 -12.14 7.98
CA GLU A 335 0.57 -11.53 6.93
C GLU A 335 0.73 -12.49 5.74
N PHE A 336 0.81 -13.80 5.97
CA PHE A 336 1.17 -14.80 4.94
C PHE A 336 0.05 -15.81 4.67
N THR A 337 -1.22 -15.40 4.84
CA THR A 337 -2.41 -16.28 4.63
C THR A 337 -2.44 -16.84 3.21
N GLU A 338 -2.19 -15.97 2.22
CA GLU A 338 -2.29 -16.24 0.75
C GLU A 338 -1.17 -17.18 0.27
N PHE A 339 -0.06 -17.27 1.00
CA PHE A 339 1.14 -18.05 0.61
C PHE A 339 0.80 -19.55 0.68
N PHE B 7 -26.20 -24.09 -14.33
CA PHE B 7 -26.20 -22.93 -13.36
C PHE B 7 -24.84 -22.87 -12.64
N LEU B 8 -24.51 -23.91 -11.86
CA LEU B 8 -23.38 -23.93 -10.88
C LEU B 8 -22.12 -23.28 -11.48
N ALA B 9 -21.57 -23.89 -12.54
CA ALA B 9 -20.19 -23.67 -13.03
C ALA B 9 -20.18 -22.61 -14.13
N LYS B 10 -21.37 -22.23 -14.64
CA LYS B 10 -21.53 -21.25 -15.77
C LYS B 10 -21.63 -19.84 -15.16
N ALA B 11 -22.30 -19.70 -14.02
CA ALA B 11 -22.39 -18.46 -13.23
C ALA B 11 -20.99 -18.05 -12.77
N LYS B 12 -20.21 -19.03 -12.30
CA LYS B 12 -18.80 -18.88 -11.84
C LYS B 12 -17.88 -18.52 -13.03
N GLU B 13 -17.98 -19.25 -14.16
CA GLU B 13 -17.13 -19.04 -15.37
C GLU B 13 -17.33 -17.61 -15.87
N ASP B 14 -18.57 -17.14 -15.86
CA ASP B 14 -18.95 -15.82 -16.44
C ASP B 14 -18.50 -14.72 -15.49
N PHE B 15 -18.79 -14.86 -14.19
CA PHE B 15 -18.29 -13.92 -13.15
C PHE B 15 -16.78 -13.72 -13.33
N LEU B 16 -16.05 -14.83 -13.47
CA LEU B 16 -14.57 -14.83 -13.53
C LEU B 16 -14.07 -14.10 -14.79
N LYS B 17 -14.73 -14.22 -15.96
CA LYS B 17 -14.35 -13.44 -17.18
C LYS B 17 -14.43 -11.95 -16.85
N LYS B 18 -15.55 -11.55 -16.27
CA LYS B 18 -15.86 -10.14 -15.96
C LYS B 18 -14.96 -9.67 -14.80
N TRP B 19 -14.69 -10.53 -13.81
CA TRP B 19 -13.76 -10.20 -12.71
C TRP B 19 -12.35 -9.92 -13.28
N GLU B 20 -11.92 -10.74 -14.25
CA GLU B 20 -10.55 -10.70 -14.83
C GLU B 20 -10.43 -9.53 -15.82
N THR B 21 -11.49 -9.21 -16.55
CA THR B 21 -11.55 -8.09 -17.52
C THR B 21 -12.82 -7.28 -17.29
N PRO B 22 -12.85 -6.41 -16.27
CA PRO B 22 -14.04 -5.58 -16.02
C PRO B 22 -14.37 -4.68 -17.21
N SER B 23 -15.65 -4.60 -17.57
CA SER B 23 -16.17 -3.73 -18.66
C SER B 23 -15.97 -2.27 -18.25
N GLN B 24 -15.47 -1.43 -19.18
CA GLN B 24 -15.12 -0.02 -18.95
C GLN B 24 -15.73 0.83 -20.07
N ASN B 25 -16.28 2.01 -19.73
CA ASN B 25 -16.85 2.99 -20.70
C ASN B 25 -17.79 2.28 -21.68
N THR B 26 -18.81 1.60 -21.16
CA THR B 26 -19.83 0.85 -21.96
C THR B 26 -20.95 1.76 -22.42
N ALA B 27 -20.96 3.02 -22.00
CA ALA B 27 -21.83 4.08 -22.56
C ALA B 27 -21.13 5.44 -22.44
N GLN B 28 -21.73 6.51 -22.94
CA GLN B 28 -21.23 7.90 -22.71
C GLN B 28 -22.45 8.80 -22.43
N LEU B 29 -22.20 9.98 -21.88
CA LEU B 29 -23.25 10.93 -21.38
C LEU B 29 -24.22 11.30 -22.51
N ASP B 30 -23.71 11.54 -23.72
CA ASP B 30 -24.46 12.10 -24.87
C ASP B 30 -25.44 11.04 -25.40
N GLN B 31 -25.38 9.81 -24.89
CA GLN B 31 -26.32 8.72 -25.26
C GLN B 31 -27.61 8.76 -24.43
N PHE B 32 -27.71 9.60 -23.40
CA PHE B 32 -28.87 9.63 -22.46
C PHE B 32 -29.53 11.02 -22.45
N ASP B 33 -30.86 11.03 -22.51
CA ASP B 33 -31.70 12.21 -22.22
C ASP B 33 -31.79 12.31 -20.69
N ARG B 34 -31.58 13.50 -20.11
CA ARG B 34 -31.66 13.67 -18.64
C ARG B 34 -33.07 14.17 -18.33
N ILE B 35 -33.90 13.36 -17.66
CA ILE B 35 -35.34 13.67 -17.42
C ILE B 35 -35.45 14.55 -16.17
N LYS B 36 -35.00 14.05 -15.01
CA LYS B 36 -35.04 14.81 -13.74
C LYS B 36 -34.13 14.14 -12.70
N THR B 37 -33.80 14.89 -11.66
CA THR B 37 -33.03 14.40 -10.49
C THR B 37 -33.99 13.56 -9.65
N LEU B 38 -33.61 12.33 -9.29
CA LEU B 38 -34.42 11.42 -8.46
C LEU B 38 -34.10 11.65 -6.98
N GLY B 39 -32.91 12.16 -6.67
CA GLY B 39 -32.42 12.28 -5.28
C GLY B 39 -30.94 12.53 -5.22
N THR B 40 -30.39 12.64 -4.00
CA THR B 40 -28.96 12.97 -3.79
C THR B 40 -28.29 11.81 -3.07
N GLY B 41 -27.09 11.47 -3.55
CA GLY B 41 -26.20 10.47 -2.92
C GLY B 41 -25.10 11.15 -2.14
N SER B 42 -24.16 10.34 -1.64
CA SER B 42 -22.96 10.76 -0.89
C SER B 42 -22.11 11.69 -1.77
N PHE B 43 -21.97 11.39 -3.07
CA PHE B 43 -20.95 12.03 -3.95
C PHE B 43 -21.59 12.83 -5.09
N GLY B 44 -22.92 12.80 -5.19
CA GLY B 44 -23.67 13.59 -6.18
C GLY B 44 -25.06 13.02 -6.40
N ARG B 45 -25.73 13.52 -7.44
CA ARG B 45 -27.15 13.22 -7.73
C ARG B 45 -27.27 11.87 -8.43
N VAL B 46 -28.44 11.27 -8.28
CA VAL B 46 -28.98 10.17 -9.13
C VAL B 46 -30.03 10.81 -10.03
N MET B 47 -29.92 10.61 -11.35
CA MET B 47 -30.85 11.24 -12.33
C MET B 47 -31.58 10.17 -13.11
N LEU B 48 -32.90 10.36 -13.28
CA LEU B 48 -33.70 9.55 -14.22
C LEU B 48 -33.27 9.94 -15.64
N VAL B 49 -32.79 8.97 -16.40
CA VAL B 49 -32.33 9.19 -17.80
C VAL B 49 -33.07 8.21 -18.70
N LYS B 50 -33.25 8.58 -19.96
CA LYS B 50 -33.77 7.72 -21.04
C LYS B 50 -32.63 7.46 -22.02
N HIS B 51 -32.22 6.20 -22.18
CA HIS B 51 -31.27 5.76 -23.24
C HIS B 51 -31.87 6.12 -24.60
N LYS B 52 -31.22 7.03 -25.34
CA LYS B 52 -31.78 7.73 -26.54
C LYS B 52 -32.18 6.70 -27.60
N GLU B 53 -31.33 5.70 -27.82
CA GLU B 53 -31.47 4.63 -28.84
C GLU B 53 -32.60 3.66 -28.48
N SER B 54 -32.55 3.12 -27.27
CA SER B 54 -33.35 1.95 -26.79
C SER B 54 -34.71 2.43 -26.27
N GLY B 55 -34.75 3.58 -25.60
CA GLY B 55 -35.96 4.14 -24.96
C GLY B 55 -36.07 3.72 -23.50
N ASN B 56 -35.19 2.84 -23.02
CA ASN B 56 -35.25 2.37 -21.62
C ASN B 56 -34.89 3.52 -20.69
N HIS B 57 -35.49 3.58 -19.51
CA HIS B 57 -35.14 4.54 -18.44
C HIS B 57 -34.15 3.89 -17.49
N TYR B 58 -33.27 4.67 -16.88
CA TYR B 58 -32.27 4.20 -15.90
C TYR B 58 -32.10 5.25 -14.81
N ALA B 59 -31.51 4.81 -13.71
CA ALA B 59 -31.06 5.68 -12.61
C ALA B 59 -29.55 5.83 -12.75
N MET B 60 -29.10 7.02 -13.15
CA MET B 60 -27.66 7.33 -13.36
C MET B 60 -27.13 7.96 -12.09
N LYS B 61 -26.28 7.25 -11.37
CA LYS B 61 -25.58 7.82 -10.19
C LYS B 61 -24.36 8.56 -10.71
N ILE B 62 -24.26 9.84 -10.40
CA ILE B 62 -23.11 10.69 -10.77
C ILE B 62 -22.26 10.86 -9.51
N LEU B 63 -21.06 10.29 -9.51
CA LEU B 63 -20.06 10.39 -8.42
C LEU B 63 -18.98 11.38 -8.86
N ASP B 64 -18.91 12.54 -8.20
CA ASP B 64 -17.82 13.53 -8.33
C ASP B 64 -16.54 12.88 -7.82
N LYS B 65 -15.50 12.74 -8.67
CA LYS B 65 -14.23 12.08 -8.31
C LYS B 65 -13.60 12.84 -7.13
N GLN B 66 -13.60 14.16 -7.17
CA GLN B 66 -12.93 14.99 -6.14
C GLN B 66 -13.60 14.71 -4.80
N LYS B 67 -14.92 14.53 -4.78
CA LYS B 67 -15.67 14.28 -3.52
C LYS B 67 -15.34 12.88 -3.00
N VAL B 68 -15.34 11.87 -3.88
CA VAL B 68 -15.03 10.46 -3.50
C VAL B 68 -13.64 10.42 -2.84
N VAL B 69 -12.66 11.11 -3.40
CA VAL B 69 -11.27 11.20 -2.84
C VAL B 69 -11.34 11.87 -1.47
N LYS B 70 -11.98 13.05 -1.40
CA LYS B 70 -12.07 13.86 -0.16
C LYS B 70 -12.62 13.00 0.99
N LEU B 71 -13.65 12.18 0.73
CA LEU B 71 -14.34 11.37 1.76
C LEU B 71 -13.63 10.01 1.92
N LYS B 72 -12.49 9.82 1.24
CA LYS B 72 -11.68 8.56 1.32
C LYS B 72 -12.52 7.31 1.01
N GLN B 73 -13.37 7.36 -0.03
CA GLN B 73 -14.25 6.24 -0.47
C GLN B 73 -13.77 5.64 -1.80
N ILE B 74 -12.48 5.79 -2.14
CA ILE B 74 -11.92 5.38 -3.46
C ILE B 74 -12.01 3.86 -3.57
N GLU B 75 -11.38 3.13 -2.65
CA GLU B 75 -11.27 1.64 -2.68
C GLU B 75 -12.69 1.08 -2.76
N HIS B 76 -13.61 1.62 -1.95
CA HIS B 76 -15.00 1.12 -1.82
C HIS B 76 -15.74 1.31 -3.15
N THR B 77 -15.68 2.51 -3.73
CA THR B 77 -16.29 2.87 -5.03
C THR B 77 -15.79 1.90 -6.11
N LEU B 78 -14.47 1.70 -6.19
CA LEU B 78 -13.84 0.86 -7.24
C LEU B 78 -14.33 -0.57 -7.06
N ASN B 79 -14.25 -1.05 -5.83
CA ASN B 79 -14.64 -2.43 -5.46
C ASN B 79 -16.12 -2.62 -5.84
N GLU B 80 -16.97 -1.69 -5.42
CA GLU B 80 -18.43 -1.78 -5.67
C GLU B 80 -18.66 -1.96 -7.16
N LYS B 81 -18.14 -1.03 -7.97
CA LYS B 81 -18.36 -1.08 -9.44
C LYS B 81 -17.83 -2.41 -9.99
N ARG B 82 -16.64 -2.82 -9.55
CA ARG B 82 -16.01 -4.03 -10.11
C ARG B 82 -16.86 -5.27 -9.82
N ILE B 83 -17.40 -5.40 -8.61
CA ILE B 83 -18.28 -6.53 -8.24
C ILE B 83 -19.56 -6.43 -9.09
N LEU B 84 -20.19 -5.26 -9.13
CA LEU B 84 -21.51 -5.07 -9.80
C LEU B 84 -21.45 -5.37 -11.31
N GLN B 85 -20.30 -5.28 -11.96
CA GLN B 85 -20.25 -5.52 -13.42
C GLN B 85 -19.98 -7.01 -13.65
N ALA B 86 -19.65 -7.75 -12.60
CA ALA B 86 -19.32 -9.19 -12.67
C ALA B 86 -20.53 -10.07 -12.30
N VAL B 87 -21.37 -9.61 -11.36
CA VAL B 87 -22.41 -10.46 -10.70
C VAL B 87 -23.70 -10.45 -11.51
N ASN B 88 -24.52 -11.48 -11.31
CA ASN B 88 -25.83 -11.62 -11.97
C ASN B 88 -26.70 -12.56 -11.11
N PHE B 89 -27.68 -11.99 -10.44
CA PHE B 89 -28.57 -12.69 -9.49
C PHE B 89 -29.81 -11.84 -9.25
N PRO B 90 -31.01 -12.44 -9.15
CA PRO B 90 -32.24 -11.66 -9.04
C PRO B 90 -32.33 -10.62 -7.91
N PHE B 91 -31.58 -10.77 -6.83
CA PHE B 91 -31.69 -9.86 -5.66
C PHE B 91 -30.44 -8.99 -5.53
N LEU B 92 -29.70 -8.80 -6.63
CA LEU B 92 -28.62 -7.78 -6.72
C LEU B 92 -29.05 -6.68 -7.71
N VAL B 93 -28.92 -5.43 -7.30
CA VAL B 93 -29.14 -4.27 -8.21
C VAL B 93 -28.31 -4.53 -9.48
N LYS B 94 -28.87 -4.21 -10.65
CA LYS B 94 -28.25 -4.47 -11.97
C LYS B 94 -27.58 -3.18 -12.45
N LEU B 95 -26.24 -3.19 -12.56
CA LEU B 95 -25.46 -2.11 -13.20
C LEU B 95 -25.57 -2.31 -14.69
N GLU B 96 -26.21 -1.38 -15.40
CA GLU B 96 -26.52 -1.53 -16.85
C GLU B 96 -25.32 -1.01 -17.67
N PHE B 97 -24.72 0.11 -17.27
CA PHE B 97 -23.51 0.71 -17.91
C PHE B 97 -22.74 1.51 -16.88
N SER B 98 -21.43 1.63 -17.09
CA SER B 98 -20.57 2.57 -16.34
C SER B 98 -19.67 3.28 -17.33
N PHE B 99 -19.34 4.53 -17.04
CA PHE B 99 -18.27 5.27 -17.75
C PHE B 99 -17.73 6.33 -16.81
N LYS B 100 -16.64 6.98 -17.21
CA LYS B 100 -16.06 8.14 -16.49
C LYS B 100 -15.72 9.21 -17.51
N ASP B 101 -15.51 10.42 -17.01
CA ASP B 101 -15.05 11.61 -17.80
C ASP B 101 -14.12 12.41 -16.87
N ASN B 102 -13.66 13.57 -17.31
CA ASN B 102 -12.68 14.39 -16.54
C ASN B 102 -13.15 14.59 -15.09
N SER B 103 -14.46 14.73 -14.86
CA SER B 103 -15.02 15.18 -13.54
C SER B 103 -15.67 14.03 -12.74
N ASN B 104 -16.42 13.12 -13.36
CA ASN B 104 -17.34 12.21 -12.63
C ASN B 104 -17.13 10.75 -13.01
N LEU B 105 -17.51 9.85 -12.11
CA LEU B 105 -17.84 8.43 -12.40
C LEU B 105 -19.36 8.36 -12.60
N TYR B 106 -19.82 7.44 -13.46
CA TYR B 106 -21.25 7.25 -13.80
C TYR B 106 -21.59 5.75 -13.65
N MET B 107 -22.56 5.45 -12.78
CA MET B 107 -23.13 4.09 -12.57
C MET B 107 -24.59 4.13 -13.06
N VAL B 108 -24.83 3.59 -14.24
CA VAL B 108 -26.20 3.62 -14.84
C VAL B 108 -26.91 2.36 -14.37
N MET B 109 -27.73 2.50 -13.32
CA MET B 109 -28.42 1.38 -12.63
C MET B 109 -29.78 1.17 -13.28
N GLU B 110 -30.28 -0.07 -13.19
CA GLU B 110 -31.68 -0.40 -13.48
C GLU B 110 -32.55 0.51 -12.61
N TYR B 111 -33.53 1.14 -13.26
CA TYR B 111 -34.48 2.08 -12.61
C TYR B 111 -35.49 1.25 -11.83
N VAL B 112 -35.39 1.38 -10.51
CA VAL B 112 -36.19 0.60 -9.53
C VAL B 112 -36.99 1.64 -8.72
N ALA B 113 -38.26 1.83 -9.08
CA ALA B 113 -39.22 2.71 -8.37
C ALA B 113 -39.79 1.95 -7.17
N GLY B 114 -38.94 1.64 -6.20
CA GLY B 114 -39.34 0.88 -5.00
C GLY B 114 -39.35 1.77 -3.79
N GLY B 115 -39.03 1.18 -2.63
CA GLY B 115 -38.72 1.90 -1.39
C GLY B 115 -37.49 1.30 -0.74
N GLU B 116 -37.24 1.68 0.50
CA GLU B 116 -36.05 1.25 1.28
C GLU B 116 -36.56 0.33 2.40
N MET B 117 -35.88 -0.78 2.59
CA MET B 117 -36.18 -1.73 3.67
C MET B 117 -36.09 -0.99 5.01
N PHE B 118 -35.02 -0.23 5.21
CA PHE B 118 -34.76 0.47 6.49
C PHE B 118 -35.97 1.33 6.87
N SER B 119 -36.53 2.12 5.97
CA SER B 119 -37.62 3.09 6.30
C SER B 119 -38.96 2.36 6.42
N HIS B 120 -39.18 1.29 5.65
CA HIS B 120 -40.40 0.45 5.77
C HIS B 120 -40.37 -0.28 7.13
N LEU B 121 -39.25 -0.89 7.49
CA LEU B 121 -39.07 -1.58 8.80
C LEU B 121 -39.33 -0.58 9.92
N ARG B 122 -38.66 0.58 9.88
CA ARG B 122 -38.74 1.61 10.95
C ARG B 122 -40.17 2.14 11.07
N ARG B 123 -40.87 2.36 9.95
CA ARG B 123 -42.24 2.92 9.95
C ARG B 123 -43.27 1.92 10.49
N ILE B 124 -43.22 0.67 10.04
CA ILE B 124 -44.15 -0.43 10.46
C ILE B 124 -43.83 -0.82 11.91
N GLY B 125 -42.56 -0.69 12.29
CA GLY B 125 -42.03 -1.05 13.61
C GLY B 125 -41.33 -2.38 13.57
N ARG B 126 -42.05 -3.43 13.21
CA ARG B 126 -41.48 -4.80 13.07
C ARG B 126 -42.30 -5.55 12.03
N PHE B 127 -41.77 -6.64 11.50
CA PHE B 127 -42.45 -7.53 10.53
C PHE B 127 -42.92 -8.81 11.24
N SER B 128 -44.07 -9.34 10.81
CA SER B 128 -44.56 -10.72 11.08
C SER B 128 -43.48 -11.71 10.66
N GLU B 129 -43.45 -12.87 11.33
CA GLU B 129 -42.46 -13.94 11.06
C GLU B 129 -42.59 -14.36 9.60
N PRO B 130 -43.81 -14.57 9.06
CA PRO B 130 -43.96 -14.99 7.67
C PRO B 130 -43.41 -13.94 6.69
N HIS B 131 -43.48 -12.65 7.03
CA HIS B 131 -43.00 -11.53 6.18
C HIS B 131 -41.47 -11.42 6.34
N ALA B 132 -40.95 -11.44 7.56
CA ALA B 132 -39.50 -11.55 7.83
C ALA B 132 -38.91 -12.72 7.03
N ARG B 133 -39.61 -13.86 6.98
CA ARG B 133 -39.12 -15.13 6.39
C ARG B 133 -39.03 -14.97 4.88
N PHE B 134 -40.01 -14.30 4.29
CA PHE B 134 -40.07 -13.98 2.85
C PHE B 134 -38.80 -13.20 2.48
N TYR B 135 -38.48 -12.12 3.20
CA TYR B 135 -37.26 -11.30 2.96
C TYR B 135 -36.00 -12.13 3.25
N ALA B 136 -36.00 -12.89 4.34
CA ALA B 136 -34.80 -13.62 4.83
C ALA B 136 -34.39 -14.64 3.77
N ALA B 137 -35.36 -15.27 3.14
CA ALA B 137 -35.11 -16.33 2.13
C ALA B 137 -34.37 -15.74 0.93
N GLN B 138 -34.66 -14.48 0.58
CA GLN B 138 -33.99 -13.80 -0.55
C GLN B 138 -32.53 -13.59 -0.19
N ILE B 139 -32.26 -13.19 1.06
CA ILE B 139 -30.87 -12.99 1.55
C ILE B 139 -30.18 -14.36 1.56
N VAL B 140 -30.86 -15.42 1.95
CA VAL B 140 -30.20 -16.74 2.05
C VAL B 140 -29.72 -17.13 0.66
N LEU B 141 -30.58 -17.05 -0.36
CA LEU B 141 -30.23 -17.41 -1.74
C LEU B 141 -29.11 -16.49 -2.27
N THR B 142 -29.12 -15.21 -1.88
CA THR B 142 -28.13 -14.21 -2.31
C THR B 142 -26.76 -14.60 -1.75
N PHE B 143 -26.68 -14.93 -0.47
CA PHE B 143 -25.40 -15.30 0.18
C PHE B 143 -24.88 -16.60 -0.40
N GLU B 144 -25.77 -17.54 -0.75
CA GLU B 144 -25.37 -18.79 -1.44
C GLU B 144 -24.67 -18.43 -2.75
N TYR B 145 -25.21 -17.46 -3.50
CA TYR B 145 -24.63 -17.02 -4.80
C TYR B 145 -23.26 -16.39 -4.50
N LEU B 146 -23.25 -15.36 -3.65
CA LEU B 146 -22.01 -14.59 -3.39
C LEU B 146 -20.93 -15.55 -2.88
N HIS B 147 -21.26 -16.45 -1.97
CA HIS B 147 -20.26 -17.37 -1.35
C HIS B 147 -19.67 -18.30 -2.42
N SER B 148 -20.44 -18.68 -3.44
CA SER B 148 -20.00 -19.60 -4.50
C SER B 148 -19.01 -18.88 -5.42
N LEU B 149 -18.92 -17.55 -5.29
CA LEU B 149 -17.96 -16.70 -6.03
C LEU B 149 -16.84 -16.21 -5.11
N ASP B 150 -16.75 -16.74 -3.87
CA ASP B 150 -15.67 -16.37 -2.92
C ASP B 150 -15.80 -14.91 -2.50
N LEU B 151 -17.02 -14.38 -2.53
CA LEU B 151 -17.38 -13.01 -2.08
C LEU B 151 -17.98 -13.07 -0.67
N ILE B 152 -17.37 -12.39 0.28
CA ILE B 152 -17.89 -12.16 1.66
C ILE B 152 -18.58 -10.80 1.65
N TYR B 153 -19.90 -10.76 1.82
CA TYR B 153 -20.65 -9.49 1.73
C TYR B 153 -20.26 -8.57 2.88
N ARG B 154 -20.25 -9.13 4.09
CA ARG B 154 -19.87 -8.53 5.40
C ARG B 154 -20.45 -7.13 5.63
N ASP B 155 -21.58 -6.76 5.04
CA ASP B 155 -22.20 -5.44 5.35
C ASP B 155 -23.72 -5.56 5.39
N LEU B 156 -24.29 -6.74 5.65
CA LEU B 156 -25.76 -6.88 5.70
C LEU B 156 -26.33 -5.96 6.79
N LYS B 157 -27.46 -5.37 6.46
CA LYS B 157 -28.31 -4.57 7.37
C LYS B 157 -29.41 -3.97 6.49
N PRO B 158 -30.57 -3.58 7.09
CA PRO B 158 -31.71 -3.10 6.31
C PRO B 158 -31.37 -1.92 5.38
N GLU B 159 -30.48 -1.03 5.82
CA GLU B 159 -30.03 0.18 5.08
C GLU B 159 -29.52 -0.21 3.68
N ASN B 160 -28.99 -1.43 3.53
CA ASN B 160 -28.33 -1.94 2.29
C ASN B 160 -29.33 -2.69 1.42
N LEU B 161 -30.62 -2.66 1.77
CA LEU B 161 -31.67 -3.45 1.08
C LEU B 161 -32.77 -2.49 0.63
N LEU B 162 -33.16 -2.55 -0.64
CA LEU B 162 -34.36 -1.84 -1.13
C LEU B 162 -35.41 -2.88 -1.47
N ILE B 163 -36.66 -2.44 -1.57
CA ILE B 163 -37.83 -3.27 -1.95
C ILE B 163 -38.28 -2.78 -3.32
N ASP B 164 -38.16 -3.61 -4.35
CA ASP B 164 -38.44 -3.22 -5.75
C ASP B 164 -39.95 -3.15 -5.96
N GLN B 165 -40.40 -3.08 -7.21
CA GLN B 165 -41.83 -2.79 -7.57
C GLN B 165 -42.69 -4.04 -7.35
N GLN B 166 -42.05 -5.22 -7.28
CA GLN B 166 -42.69 -6.55 -7.03
C GLN B 166 -42.66 -6.90 -5.54
N GLY B 167 -42.07 -6.05 -4.71
CA GLY B 167 -41.99 -6.24 -3.25
C GLY B 167 -40.86 -7.18 -2.85
N TYR B 168 -39.93 -7.46 -3.77
CA TYR B 168 -38.75 -8.32 -3.51
C TYR B 168 -37.52 -7.47 -3.18
N ILE B 169 -36.53 -8.12 -2.58
CA ILE B 169 -35.27 -7.49 -2.09
C ILE B 169 -34.33 -7.26 -3.27
N GLN B 170 -33.58 -6.15 -3.23
CA GLN B 170 -32.33 -6.01 -4.01
C GLN B 170 -31.25 -5.44 -3.10
N VAL B 171 -30.13 -6.13 -2.99
CA VAL B 171 -28.92 -5.64 -2.28
C VAL B 171 -28.33 -4.52 -3.14
N THR B 172 -28.09 -3.36 -2.53
CA THR B 172 -27.84 -2.08 -3.24
C THR B 172 -26.41 -1.61 -3.04
N ASP B 173 -25.63 -2.22 -2.15
CA ASP B 173 -24.32 -1.67 -1.72
C ASP B 173 -23.28 -2.80 -1.65
N PHE B 174 -22.13 -2.64 -2.32
CA PHE B 174 -21.04 -3.65 -2.35
C PHE B 174 -19.71 -3.02 -1.98
N GLY B 175 -19.72 -1.84 -1.33
CA GLY B 175 -18.51 -1.12 -0.92
C GLY B 175 -17.56 -1.97 -0.10
N PHE B 176 -18.10 -2.74 0.85
CA PHE B 176 -17.31 -3.48 1.87
C PHE B 176 -17.04 -4.92 1.42
N ALA B 177 -17.85 -5.49 0.53
CA ALA B 177 -17.72 -6.89 0.11
C ALA B 177 -16.28 -7.14 -0.36
N LYS B 178 -15.74 -8.31 -0.02
CA LYS B 178 -14.37 -8.68 -0.41
C LYS B 178 -14.40 -10.05 -1.08
N ARG B 179 -13.73 -10.18 -2.22
CA ARG B 179 -13.42 -11.50 -2.80
C ARG B 179 -12.17 -12.02 -2.11
N VAL B 180 -12.25 -13.22 -1.56
CA VAL B 180 -11.13 -13.90 -0.86
C VAL B 180 -11.54 -15.36 -0.67
N LYS B 181 -10.61 -16.29 -0.86
CA LYS B 181 -10.87 -17.75 -0.80
C LYS B 181 -11.06 -18.17 0.67
N GLY B 182 -10.07 -17.90 1.53
CA GLY B 182 -10.09 -18.33 2.95
C GLY B 182 -10.47 -17.18 3.87
N ARG B 183 -9.53 -16.77 4.75
CA ARG B 183 -9.75 -15.77 5.82
C ARG B 183 -9.29 -14.37 5.38
N THR B 184 -9.75 -13.35 6.10
CA THR B 184 -9.39 -11.93 5.96
C THR B 184 -9.51 -11.29 7.36
N TRP B 185 -9.03 -10.07 7.55
CA TRP B 185 -8.88 -9.47 8.91
C TRP B 185 -9.47 -8.06 9.04
N TPO B 186 -10.07 -7.48 8.00
CA TPO B 186 -10.37 -6.06 8.12
CB TPO B 186 -10.66 -5.33 6.79
CG2 TPO B 186 -10.78 -3.84 7.01
OG1 TPO B 186 -9.56 -5.55 5.87
P TPO B 186 -9.77 -6.48 4.60
O1P TPO B 186 -8.37 -6.83 4.12
O2P TPO B 186 -10.54 -7.71 5.02
O3P TPO B 186 -10.56 -5.61 3.67
C TPO B 186 -11.53 -5.86 9.09
O TPO B 186 -12.62 -6.38 8.87
N LEU B 187 -11.25 -5.07 10.13
CA LEU B 187 -12.26 -4.62 11.07
C LEU B 187 -13.17 -3.65 10.31
N CYS B 188 -14.34 -4.09 9.86
CA CYS B 188 -15.26 -3.20 9.11
C CYS B 188 -16.71 -3.71 9.18
N GLY B 189 -17.63 -2.76 9.01
CA GLY B 189 -19.09 -2.96 9.09
C GLY B 189 -19.65 -1.91 10.03
N THR B 190 -20.80 -2.20 10.65
CA THR B 190 -21.40 -1.36 11.73
C THR B 190 -21.53 -2.20 12.99
N PRO B 191 -21.28 -1.61 14.18
CA PRO B 191 -21.24 -2.37 15.44
C PRO B 191 -22.36 -3.39 15.66
N GLU B 192 -23.63 -3.00 15.51
CA GLU B 192 -24.79 -3.89 15.79
C GLU B 192 -24.71 -5.15 14.91
N TYR B 193 -24.06 -5.11 13.74
CA TYR B 193 -24.04 -6.26 12.78
C TYR B 193 -22.68 -6.97 12.70
N LEU B 194 -21.70 -6.58 13.52
CA LEU B 194 -20.36 -7.25 13.53
C LEU B 194 -20.48 -8.67 14.11
N ALA B 195 -19.97 -9.65 13.36
CA ALA B 195 -19.74 -11.03 13.85
C ALA B 195 -18.63 -11.01 14.90
N PRO B 196 -18.70 -11.89 15.92
CA PRO B 196 -17.72 -11.87 17.00
C PRO B 196 -16.30 -12.16 16.50
N GLU B 197 -16.14 -13.08 15.55
CA GLU B 197 -14.78 -13.43 15.05
C GLU B 197 -14.16 -12.19 14.38
N ILE B 198 -14.94 -11.24 13.86
CA ILE B 198 -14.43 -9.93 13.34
C ILE B 198 -13.87 -9.13 14.52
N ILE B 199 -14.66 -8.97 15.58
CA ILE B 199 -14.27 -8.19 16.79
C ILE B 199 -13.00 -8.78 17.41
N LEU B 200 -12.88 -10.11 17.48
CA LEU B 200 -11.79 -10.82 18.20
C LEU B 200 -10.49 -10.84 17.38
N SER B 201 -10.49 -10.37 16.13
CA SER B 201 -9.29 -9.94 15.38
C SER B 201 -8.27 -11.08 15.17
N LYS B 202 -8.72 -12.34 15.11
CA LYS B 202 -7.89 -13.53 14.79
C LYS B 202 -8.25 -14.05 13.39
N GLY B 203 -8.98 -13.28 12.59
CA GLY B 203 -9.36 -13.67 11.23
C GLY B 203 -10.78 -14.20 11.20
N TYR B 204 -11.46 -13.97 10.08
CA TYR B 204 -12.83 -14.43 9.81
C TYR B 204 -12.96 -14.77 8.34
N ASN B 205 -14.08 -15.40 8.00
CA ASN B 205 -14.40 -15.84 6.62
C ASN B 205 -15.88 -15.56 6.36
N LYS B 206 -16.43 -16.24 5.36
CA LYS B 206 -17.79 -15.99 4.81
C LYS B 206 -18.86 -16.31 5.86
N ALA B 207 -18.50 -17.04 6.92
CA ALA B 207 -19.46 -17.41 7.99
C ALA B 207 -20.02 -16.14 8.65
N VAL B 208 -19.31 -15.01 8.58
CA VAL B 208 -19.78 -13.73 9.19
C VAL B 208 -21.08 -13.29 8.53
N ASP B 209 -21.35 -13.72 7.30
CA ASP B 209 -22.61 -13.33 6.62
C ASP B 209 -23.79 -14.04 7.30
N TRP B 210 -23.61 -15.30 7.69
CA TRP B 210 -24.69 -16.08 8.36
C TRP B 210 -24.96 -15.50 9.74
N TRP B 211 -23.91 -15.04 10.43
CA TRP B 211 -24.07 -14.25 11.67
C TRP B 211 -24.99 -13.08 11.38
N ALA B 212 -24.66 -12.30 10.36
CA ALA B 212 -25.36 -11.04 10.01
C ALA B 212 -26.79 -11.36 9.60
N LEU B 213 -27.04 -12.49 8.94
CA LEU B 213 -28.43 -12.91 8.61
C LEU B 213 -29.22 -13.02 9.91
N GLY B 214 -28.70 -13.78 10.89
CA GLY B 214 -29.32 -13.93 12.22
C GLY B 214 -29.69 -12.57 12.77
N VAL B 215 -28.77 -11.60 12.71
CA VAL B 215 -28.99 -10.22 13.23
C VAL B 215 -30.15 -9.57 12.46
N LEU B 216 -30.19 -9.75 11.15
CA LEU B 216 -31.25 -9.11 10.31
C LEU B 216 -32.61 -9.74 10.64
N ILE B 217 -32.67 -11.07 10.68
CA ILE B 217 -33.94 -11.80 10.98
C ILE B 217 -34.48 -11.32 12.32
N TYR B 218 -33.62 -11.24 13.33
CA TYR B 218 -34.00 -10.78 14.69
C TYR B 218 -34.58 -9.37 14.54
N GLU B 219 -33.85 -8.48 13.89
CA GLU B 219 -34.25 -7.05 13.76
C GLU B 219 -35.58 -6.95 12.98
N MET B 220 -35.75 -7.73 11.92
CA MET B 220 -37.03 -7.73 11.18
C MET B 220 -38.16 -8.21 12.11
N ALA B 221 -37.95 -9.26 12.92
CA ALA B 221 -39.02 -9.92 13.70
C ALA B 221 -39.32 -9.14 14.99
N ALA B 222 -38.33 -8.40 15.53
CA ALA B 222 -38.45 -7.66 16.82
C ALA B 222 -38.65 -6.16 16.61
N GLY B 223 -38.08 -5.57 15.55
CA GLY B 223 -38.10 -4.11 15.32
C GLY B 223 -36.83 -3.43 15.84
N TYR B 224 -35.94 -4.22 16.45
CA TYR B 224 -34.64 -3.77 17.00
C TYR B 224 -33.68 -4.95 16.96
N PRO B 225 -32.36 -4.72 16.88
CA PRO B 225 -31.41 -5.80 16.74
C PRO B 225 -31.08 -6.42 18.09
N PRO B 226 -30.49 -7.63 18.10
CA PRO B 226 -30.20 -8.35 19.34
C PRO B 226 -29.23 -7.63 20.30
N PHE B 227 -28.24 -6.94 19.75
CA PHE B 227 -27.16 -6.26 20.52
C PHE B 227 -27.17 -4.75 20.20
N PHE B 228 -27.34 -3.92 21.22
CA PHE B 228 -27.39 -2.44 21.12
C PHE B 228 -27.06 -1.81 22.48
N ALA B 229 -26.44 -0.63 22.44
CA ALA B 229 -25.95 0.13 23.60
C ALA B 229 -25.54 1.55 23.18
N ASP B 230 -25.26 2.40 24.18
CA ASP B 230 -24.89 3.83 24.04
C ASP B 230 -23.47 3.94 23.46
N GLN B 231 -22.62 2.97 23.78
CA GLN B 231 -21.18 2.94 23.43
C GLN B 231 -20.91 1.66 22.65
N PRO B 232 -20.18 1.74 21.51
CA PRO B 232 -19.79 0.54 20.76
C PRO B 232 -19.14 -0.58 21.60
N ILE B 233 -18.29 -0.25 22.59
CA ILE B 233 -17.59 -1.28 23.42
C ILE B 233 -18.64 -2.15 24.12
N GLN B 234 -19.77 -1.56 24.53
CA GLN B 234 -20.86 -2.28 25.22
C GLN B 234 -21.49 -3.25 24.22
N ILE B 235 -21.60 -2.85 22.95
CA ILE B 235 -22.19 -3.73 21.91
C ILE B 235 -21.24 -4.90 21.62
N TYR B 236 -19.94 -4.63 21.54
CA TYR B 236 -18.90 -5.67 21.30
C TYR B 236 -18.93 -6.68 22.45
N GLU B 237 -18.95 -6.18 23.68
CA GLU B 237 -19.05 -7.03 24.89
C GLU B 237 -20.26 -7.97 24.73
N LYS B 238 -21.42 -7.45 24.33
CA LYS B 238 -22.69 -8.25 24.19
C LYS B 238 -22.52 -9.31 23.11
N ILE B 239 -21.97 -8.92 21.96
CA ILE B 239 -21.81 -9.81 20.78
C ILE B 239 -20.91 -10.98 21.18
N VAL B 240 -19.82 -10.68 21.89
CA VAL B 240 -18.73 -11.66 22.18
C VAL B 240 -19.16 -12.61 23.31
N SER B 241 -19.86 -12.15 24.35
CA SER B 241 -20.37 -12.97 25.49
C SER B 241 -21.07 -14.24 24.96
N GLY B 242 -21.68 -14.12 23.78
CA GLY B 242 -22.52 -15.15 23.17
C GLY B 242 -23.81 -15.33 23.94
N LYS B 243 -24.48 -14.23 24.33
CA LYS B 243 -25.78 -14.30 25.08
C LYS B 243 -26.81 -13.40 24.41
N VAL B 244 -27.99 -13.96 24.09
CA VAL B 244 -29.08 -13.27 23.35
C VAL B 244 -30.33 -13.35 24.21
N ARG B 245 -31.22 -12.37 24.10
CA ARG B 245 -32.55 -12.35 24.73
C ARG B 245 -33.60 -12.17 23.64
N PHE B 246 -34.41 -13.20 23.37
CA PHE B 246 -35.50 -13.19 22.37
C PHE B 246 -36.76 -12.60 23.01
N PRO B 247 -37.51 -11.73 22.30
CA PRO B 247 -38.82 -11.28 22.78
C PRO B 247 -39.71 -12.51 22.96
N SER B 248 -40.68 -12.47 23.87
CA SER B 248 -41.56 -13.62 24.17
C SER B 248 -42.44 -13.96 22.95
N HIS B 249 -42.72 -12.98 22.07
CA HIS B 249 -43.58 -13.21 20.88
C HIS B 249 -42.87 -14.11 19.85
N PHE B 250 -41.52 -14.21 19.88
CA PHE B 250 -40.75 -15.07 18.94
C PHE B 250 -41.20 -16.53 19.10
N SER B 251 -41.58 -17.16 17.98
CA SER B 251 -41.85 -18.60 17.85
C SER B 251 -40.62 -19.37 18.31
N SER B 252 -40.81 -20.61 18.79
CA SER B 252 -39.68 -21.49 19.19
C SER B 252 -38.88 -21.90 17.95
N ASP B 253 -39.52 -22.03 16.80
CA ASP B 253 -38.82 -22.25 15.50
C ASP B 253 -37.82 -21.10 15.29
N LEU B 254 -38.27 -19.85 15.34
CA LEU B 254 -37.40 -18.67 15.08
C LEU B 254 -36.24 -18.67 16.08
N LYS B 255 -36.54 -18.88 17.37
CA LYS B 255 -35.49 -18.82 18.42
C LYS B 255 -34.46 -19.89 18.14
N ASP B 256 -34.90 -21.07 17.70
CA ASP B 256 -33.96 -22.17 17.42
C ASP B 256 -33.05 -21.77 16.25
N LEU B 257 -33.61 -21.24 15.17
CA LEU B 257 -32.81 -20.80 13.99
C LEU B 257 -31.77 -19.77 14.44
N LEU B 258 -32.21 -18.75 15.17
CA LEU B 258 -31.34 -17.63 15.60
C LEU B 258 -30.26 -18.12 16.57
N ARG B 259 -30.51 -19.14 17.38
CA ARG B 259 -29.48 -19.71 18.30
C ARG B 259 -28.33 -20.27 17.47
N ASN B 260 -28.64 -20.75 16.28
CA ASN B 260 -27.71 -21.47 15.37
C ASN B 260 -27.10 -20.49 14.36
N LEU B 261 -27.75 -19.36 14.09
CA LEU B 261 -27.16 -18.26 13.26
C LEU B 261 -26.32 -17.35 14.15
N LEU B 262 -26.87 -16.89 15.27
CA LEU B 262 -26.13 -16.07 16.29
C LEU B 262 -25.33 -17.02 17.21
N GLN B 263 -24.72 -18.03 16.61
CA GLN B 263 -23.71 -18.92 17.21
C GLN B 263 -22.37 -18.18 17.21
N VAL B 264 -21.96 -17.73 18.40
CA VAL B 264 -20.69 -17.02 18.69
C VAL B 264 -19.49 -17.83 18.18
N ASP B 265 -19.56 -19.17 18.16
CA ASP B 265 -18.48 -20.08 17.67
C ASP B 265 -18.72 -20.43 16.19
N LEU B 266 -17.90 -19.89 15.28
CA LEU B 266 -18.16 -19.96 13.82
C LEU B 266 -18.09 -21.41 13.33
N THR B 267 -17.37 -22.29 14.03
CA THR B 267 -17.25 -23.74 13.66
C THR B 267 -18.57 -24.47 13.88
N LYS B 268 -19.54 -23.85 14.57
CA LYS B 268 -20.87 -24.44 14.87
C LYS B 268 -22.00 -23.58 14.30
N ARG B 269 -21.69 -22.47 13.63
CA ARG B 269 -22.73 -21.54 13.10
C ARG B 269 -23.38 -22.20 11.88
N PHE B 270 -24.70 -22.15 11.79
CA PHE B 270 -25.47 -22.68 10.63
C PHE B 270 -25.06 -21.85 9.41
N GLY B 271 -24.83 -22.54 8.28
CA GLY B 271 -24.27 -21.96 7.06
C GLY B 271 -22.80 -22.28 6.89
N ASN B 272 -22.10 -22.66 7.97
CA ASN B 272 -20.63 -22.95 7.97
C ASN B 272 -20.31 -24.39 8.39
N LEU B 273 -21.22 -25.34 8.18
CA LEU B 273 -21.00 -26.78 8.49
C LEU B 273 -21.04 -27.57 7.18
N LYS B 274 -20.89 -28.89 7.26
CA LYS B 274 -20.70 -29.76 6.07
C LYS B 274 -21.87 -29.57 5.09
N ASN B 275 -23.10 -29.41 5.58
CA ASN B 275 -24.31 -29.26 4.71
C ASN B 275 -24.48 -27.82 4.27
N GLY B 276 -23.66 -26.91 4.79
CA GLY B 276 -23.61 -25.50 4.39
C GLY B 276 -24.97 -24.84 4.42
N VAL B 277 -25.44 -24.35 3.28
CA VAL B 277 -26.66 -23.49 3.23
C VAL B 277 -27.90 -24.36 3.53
N ASN B 278 -27.84 -25.67 3.30
CA ASN B 278 -29.00 -26.59 3.46
C ASN B 278 -29.45 -26.66 4.94
N ASP B 279 -28.56 -26.42 5.90
CA ASP B 279 -28.91 -26.43 7.34
C ASP B 279 -29.90 -25.30 7.61
N ILE B 280 -29.82 -24.21 6.85
CA ILE B 280 -30.69 -23.02 6.99
C ILE B 280 -32.00 -23.30 6.24
N LYS B 281 -31.89 -23.72 4.99
CA LYS B 281 -33.03 -23.98 4.08
C LYS B 281 -33.94 -25.07 4.68
N ASN B 282 -33.36 -26.08 5.34
CA ASN B 282 -34.09 -27.27 5.85
C ASN B 282 -34.47 -27.07 7.31
N HIS B 283 -34.14 -25.92 7.91
CA HIS B 283 -34.59 -25.56 9.28
C HIS B 283 -36.13 -25.47 9.29
N LYS B 284 -36.76 -25.85 10.39
CA LYS B 284 -38.24 -25.87 10.55
C LYS B 284 -38.84 -24.49 10.30
N TRP B 285 -38.21 -23.39 10.74
CA TRP B 285 -38.72 -22.01 10.49
C TRP B 285 -39.05 -21.84 9.00
N PHE B 286 -38.26 -22.45 8.09
CA PHE B 286 -38.36 -22.29 6.62
C PHE B 286 -39.14 -23.45 5.98
N ALA B 287 -39.88 -24.21 6.77
CA ALA B 287 -40.61 -25.42 6.28
C ALA B 287 -41.64 -25.01 5.22
N THR B 288 -42.25 -23.83 5.36
CA THR B 288 -43.30 -23.34 4.43
C THR B 288 -42.69 -22.63 3.21
N THR B 289 -41.38 -22.38 3.19
CA THR B 289 -40.73 -21.58 2.10
C THR B 289 -40.50 -22.42 0.85
N ASP B 290 -41.11 -22.06 -0.28
CA ASP B 290 -40.77 -22.66 -1.60
C ASP B 290 -39.53 -21.94 -2.18
N TRP B 291 -38.33 -22.50 -1.95
CA TRP B 291 -37.02 -21.89 -2.30
C TRP B 291 -36.95 -21.59 -3.81
N ILE B 292 -37.31 -22.54 -4.65
CA ILE B 292 -37.34 -22.38 -6.13
C ILE B 292 -38.26 -21.20 -6.46
N ALA B 293 -39.45 -21.12 -5.82
CA ALA B 293 -40.48 -20.09 -6.14
C ALA B 293 -39.99 -18.69 -5.73
N ILE B 294 -39.32 -18.58 -4.59
CA ILE B 294 -38.70 -17.31 -4.12
C ILE B 294 -37.66 -16.84 -5.14
N TYR B 295 -36.80 -17.76 -5.60
CA TYR B 295 -35.73 -17.50 -6.59
C TYR B 295 -36.34 -16.95 -7.89
N GLN B 296 -37.50 -17.47 -8.28
CA GLN B 296 -38.19 -17.13 -9.56
C GLN B 296 -39.15 -15.94 -9.36
N ARG B 297 -39.19 -15.34 -8.16
CA ARG B 297 -40.11 -14.21 -7.85
C ARG B 297 -41.55 -14.63 -8.16
N LYS B 298 -41.94 -15.85 -7.80
CA LYS B 298 -43.30 -16.41 -8.08
C LYS B 298 -44.18 -16.35 -6.84
N VAL B 299 -43.60 -16.08 -5.67
CA VAL B 299 -44.36 -15.84 -4.42
C VAL B 299 -44.84 -14.38 -4.44
N GLU B 300 -46.12 -14.18 -4.12
CA GLU B 300 -46.73 -12.83 -3.91
C GLU B 300 -46.10 -12.18 -2.68
N ALA B 301 -45.50 -11.00 -2.84
CA ALA B 301 -44.77 -10.26 -1.78
C ALA B 301 -45.78 -9.66 -0.81
N PRO B 302 -45.45 -9.42 0.47
CA PRO B 302 -46.42 -8.89 1.42
C PRO B 302 -46.55 -7.35 1.38
N PHE B 303 -45.58 -6.63 0.82
CA PHE B 303 -45.61 -5.15 0.73
C PHE B 303 -45.17 -4.71 -0.67
N ILE B 304 -46.01 -3.95 -1.35
CA ILE B 304 -45.71 -3.33 -2.68
C ILE B 304 -45.55 -1.82 -2.46
N PRO B 305 -44.34 -1.24 -2.67
CA PRO B 305 -44.17 0.21 -2.53
C PRO B 305 -45.13 1.00 -3.43
N LYS B 306 -45.54 2.21 -2.99
CA LYS B 306 -46.39 3.17 -3.77
C LYS B 306 -45.52 3.87 -4.84
N PHE B 307 -46.09 4.14 -6.03
CA PHE B 307 -45.39 4.68 -7.23
C PHE B 307 -44.47 3.59 -7.79
N GLU B 321 -33.47 22.79 -11.42
CA GLU B 321 -32.40 21.77 -11.54
C GLU B 321 -31.13 22.45 -12.04
N GLU B 322 -29.97 21.89 -11.69
CA GLU B 322 -28.66 22.40 -12.16
C GLU B 322 -28.14 21.47 -13.26
N GLU B 323 -27.41 22.01 -14.23
CA GLU B 323 -26.80 21.23 -15.33
C GLU B 323 -25.62 20.44 -14.77
N ILE B 324 -25.13 19.43 -15.49
CA ILE B 324 -23.89 18.71 -15.16
C ILE B 324 -22.74 19.43 -15.87
N ARG B 325 -21.75 19.96 -15.15
CA ARG B 325 -20.57 20.56 -15.81
C ARG B 325 -19.36 19.64 -15.69
N VAL B 326 -18.82 19.21 -16.81
CA VAL B 326 -17.59 18.40 -16.91
C VAL B 326 -16.42 19.33 -17.28
N SEP B 327 -15.38 19.27 -16.45
CA SEP B 327 -14.16 20.02 -16.61
CB SEP B 327 -13.23 19.74 -15.45
OG SEP B 327 -13.31 20.81 -14.50
C SEP B 327 -13.51 19.66 -17.94
O SEP B 327 -13.73 18.57 -18.47
P SEP B 327 -12.49 22.13 -14.81
O1P SEP B 327 -11.79 21.90 -16.14
O2P SEP B 327 -13.51 23.24 -14.85
O3P SEP B 327 -11.55 22.28 -13.62
N ILE B 328 -12.69 20.57 -18.46
CA ILE B 328 -11.87 20.29 -19.63
C ILE B 328 -10.57 19.63 -19.14
N ASN B 329 -10.25 19.80 -17.85
CA ASN B 329 -9.10 19.19 -17.13
C ASN B 329 -9.51 17.92 -16.39
N GLU B 330 -8.74 16.84 -16.58
CA GLU B 330 -8.96 15.52 -15.94
C GLU B 330 -8.72 15.67 -14.43
N LYS B 331 -9.64 15.16 -13.60
CA LYS B 331 -9.51 15.10 -12.11
C LYS B 331 -9.33 13.65 -11.68
N CYS B 332 -8.37 13.41 -10.80
CA CYS B 332 -8.18 12.12 -10.07
C CYS B 332 -8.07 10.96 -11.07
N GLY B 333 -7.31 11.18 -12.16
CA GLY B 333 -7.03 10.18 -13.21
C GLY B 333 -6.45 8.90 -12.64
N LYS B 334 -5.36 9.04 -11.88
CA LYS B 334 -4.65 7.92 -11.21
C LYS B 334 -5.59 7.10 -10.32
N GLU B 335 -6.21 7.75 -9.34
CA GLU B 335 -7.08 7.11 -8.33
C GLU B 335 -8.13 6.20 -9.01
N PHE B 336 -8.66 6.60 -10.18
CA PHE B 336 -9.82 5.93 -10.83
C PHE B 336 -9.45 5.35 -12.21
N THR B 337 -8.20 4.91 -12.39
CA THR B 337 -7.71 4.30 -13.66
C THR B 337 -8.54 3.07 -14.02
N GLU B 338 -8.78 2.20 -13.03
CA GLU B 338 -9.42 0.85 -13.14
C GLU B 338 -10.92 0.97 -13.43
N PHE B 339 -11.54 2.12 -13.13
CA PHE B 339 -12.99 2.33 -13.29
C PHE B 339 -13.33 2.37 -14.78
N ASN C 6 -22.14 4.32 67.58
CA ASN C 6 -21.97 2.84 67.45
C ASN C 6 -22.51 2.38 66.10
N PRO C 7 -21.64 2.15 65.09
CA PRO C 7 -22.08 1.59 63.80
C PRO C 7 -22.20 0.06 63.78
N GLN C 8 -23.37 -0.45 63.37
CA GLN C 8 -23.64 -1.87 63.13
C GLN C 8 -23.99 -2.04 61.65
N PRO C 9 -23.03 -2.52 60.81
CA PRO C 9 -23.32 -2.86 59.42
C PRO C 9 -24.27 -4.05 59.34
N VAL C 10 -25.09 -4.15 58.28
CA VAL C 10 -26.08 -5.25 58.19
C VAL C 10 -25.34 -6.59 58.11
N ASP C 11 -25.80 -7.57 58.87
CA ASP C 11 -25.30 -8.97 58.89
C ASP C 11 -25.55 -9.59 57.52
N THR C 12 -24.52 -10.10 56.84
CA THR C 12 -24.66 -10.79 55.52
C THR C 12 -24.28 -12.27 55.66
N SER C 13 -24.17 -12.76 56.91
CA SER C 13 -23.64 -14.10 57.27
C SER C 13 -24.44 -15.20 56.59
N ASN C 14 -25.76 -15.03 56.42
CA ASN C 14 -26.68 -16.13 56.00
C ASN C 14 -27.37 -15.79 54.68
N ILE C 15 -26.99 -14.68 54.05
CA ILE C 15 -27.41 -14.33 52.68
C ILE C 15 -26.59 -15.17 51.70
N THR C 16 -27.28 -15.83 50.77
CA THR C 16 -26.74 -16.68 49.69
C THR C 16 -27.07 -16.01 48.36
N ILE C 17 -26.06 -15.67 47.54
CA ILE C 17 -26.31 -14.98 46.24
C ILE C 17 -26.89 -16.00 45.27
N PRO C 18 -28.00 -15.69 44.57
CA PRO C 18 -28.55 -16.59 43.56
C PRO C 18 -27.53 -16.88 42.45
N GLU C 19 -27.50 -18.13 41.96
CA GLU C 19 -26.60 -18.59 40.86
C GLU C 19 -26.80 -17.75 39.59
N LYS C 20 -27.97 -17.14 39.38
CA LYS C 20 -28.27 -16.33 38.16
C LYS C 20 -27.32 -15.13 38.05
N LEU C 21 -26.63 -14.78 39.14
CA LEU C 21 -25.80 -13.55 39.24
C LEU C 21 -24.30 -13.89 39.09
N GLU C 22 -23.89 -15.16 39.01
CA GLU C 22 -22.42 -15.46 38.95
C GLU C 22 -21.81 -14.84 37.68
N TYR C 23 -22.54 -14.82 36.56
CA TYR C 23 -22.06 -14.17 35.31
C TYR C 23 -21.69 -12.69 35.60
N PHE C 24 -22.60 -11.96 36.24
CA PHE C 24 -22.44 -10.52 36.55
C PHE C 24 -21.27 -10.29 37.50
N ILE C 25 -21.17 -11.10 38.56
CA ILE C 25 -20.08 -10.95 39.56
C ILE C 25 -18.74 -11.07 38.84
N ASN C 26 -18.61 -12.08 37.97
CA ASN C 26 -17.34 -12.37 37.28
C ASN C 26 -17.01 -11.23 36.30
N LYS C 27 -18.04 -10.67 35.65
CA LYS C 27 -17.92 -9.61 34.63
C LYS C 27 -17.53 -8.30 35.33
N TYR C 28 -18.20 -7.98 36.45
CA TYR C 28 -17.93 -6.75 37.25
C TYR C 28 -16.52 -6.88 37.87
N ALA C 29 -16.13 -8.09 38.29
CA ALA C 29 -14.79 -8.36 38.85
C ALA C 29 -13.73 -8.04 37.79
N GLU C 30 -13.91 -8.56 36.58
CA GLU C 30 -13.04 -8.28 35.39
C GLU C 30 -12.93 -6.76 35.20
N HIS C 31 -14.08 -6.06 35.16
CA HIS C 31 -14.15 -4.59 34.97
C HIS C 31 -13.30 -3.89 36.04
N SER C 32 -13.44 -4.29 37.30
CA SER C 32 -12.75 -3.69 38.46
C SER C 32 -11.25 -3.90 38.31
N HIS C 33 -10.85 -5.12 37.96
CA HIS C 33 -9.43 -5.51 37.78
C HIS C 33 -8.81 -4.66 36.67
N ASP C 34 -9.56 -4.42 35.60
CA ASP C 34 -9.09 -3.64 34.42
C ASP C 34 -8.86 -2.19 34.87
N LYS C 35 -9.85 -1.56 35.52
CA LYS C 35 -9.74 -0.17 36.04
C LYS C 35 -8.50 -0.06 36.94
N TRP C 36 -8.27 -1.07 37.77
CA TRP C 36 -7.12 -1.15 38.71
C TRP C 36 -5.82 -1.16 37.90
N SER C 37 -5.74 -2.02 36.88
CA SER C 37 -4.59 -2.19 35.96
C SER C 37 -4.33 -0.89 35.20
N MET C 38 -5.36 -0.33 34.57
CA MET C 38 -5.35 0.99 33.89
C MET C 38 -4.67 2.00 34.81
N ASP C 39 -5.09 2.05 36.07
CA ASP C 39 -4.60 3.05 37.05
C ASP C 39 -3.10 2.80 37.34
N LYS C 40 -2.69 1.54 37.36
CA LYS C 40 -1.26 1.18 37.57
C LYS C 40 -0.46 1.65 36.36
N LEU C 41 -0.92 1.37 35.14
CA LEU C 41 -0.27 1.80 33.86
C LEU C 41 -0.07 3.32 33.86
N ALA C 42 -1.08 4.06 34.33
CA ALA C 42 -1.02 5.54 34.47
C ALA C 42 0.11 5.96 35.43
N ASN C 43 0.38 5.17 36.48
CA ASN C 43 1.38 5.47 37.54
C ASN C 43 2.70 4.72 37.30
N GLY C 44 2.96 4.26 36.08
CA GLY C 44 4.29 3.80 35.63
C GLY C 44 4.66 2.43 36.19
N TRP C 45 3.66 1.61 36.53
CA TRP C 45 3.80 0.14 36.75
C TRP C 45 3.63 -0.56 35.40
N ILE C 46 4.09 -1.81 35.30
CA ILE C 46 4.03 -2.60 34.04
C ILE C 46 3.92 -4.09 34.42
N TYR C 47 3.16 -4.88 33.67
CA TYR C 47 3.04 -6.34 33.89
C TYR C 47 4.44 -6.98 33.81
N GLY C 48 4.69 -8.02 34.60
CA GLY C 48 5.91 -8.87 34.53
C GLY C 48 5.81 -10.09 35.42
N GLU C 49 6.58 -11.13 35.09
CA GLU C 49 6.51 -12.48 35.71
C GLU C 49 6.67 -12.37 37.24
N ILE C 50 7.71 -11.67 37.71
CA ILE C 50 8.12 -11.62 39.15
C ILE C 50 7.82 -10.22 39.72
N TYR C 51 7.27 -10.14 40.94
CA TYR C 51 6.89 -8.88 41.64
C TYR C 51 8.16 -8.08 41.98
N SER C 52 8.10 -6.74 41.88
CA SER C 52 9.21 -5.81 42.22
C SER C 52 8.67 -4.40 42.56
N ASP C 53 9.15 -3.81 43.65
CA ASP C 53 8.86 -2.40 44.06
C ASP C 53 9.81 -1.46 43.31
N SER C 54 11.12 -1.63 43.50
CA SER C 54 12.19 -0.79 42.90
C SER C 54 11.91 -0.56 41.40
N SER C 55 11.55 -1.63 40.68
CA SER C 55 11.39 -1.65 39.20
C SER C 55 9.91 -1.47 38.80
N LYS C 56 8.98 -1.62 39.74
CA LYS C 56 7.51 -1.40 39.54
C LYS C 56 6.94 -2.43 38.55
N ILE C 57 7.26 -3.71 38.75
CA ILE C 57 6.70 -4.85 37.96
C ILE C 57 5.62 -5.53 38.82
N GLN C 58 4.41 -5.65 38.29
CA GLN C 58 3.21 -6.22 38.99
C GLN C 58 2.69 -7.41 38.21
N PRO C 59 2.89 -8.67 38.67
CA PRO C 59 2.36 -9.85 37.97
C PRO C 59 0.83 -10.00 38.03
N LEU C 60 0.15 -9.18 38.84
CA LEU C 60 -1.33 -9.18 38.95
C LEU C 60 -1.94 -8.38 37.78
N MET C 61 -1.14 -7.66 36.99
CA MET C 61 -1.65 -6.77 35.90
C MET C 61 -1.98 -7.58 34.64
N LYS C 62 -1.87 -8.91 34.67
CA LYS C 62 -2.30 -9.79 33.54
C LYS C 62 -3.82 -9.81 33.49
N PRO C 63 -4.44 -10.25 32.37
CA PRO C 63 -5.90 -10.32 32.27
C PRO C 63 -6.55 -11.09 33.43
N TYR C 64 -7.79 -10.72 33.77
CA TYR C 64 -8.58 -11.32 34.88
C TYR C 64 -8.68 -12.83 34.69
N LYS C 65 -8.92 -13.28 33.45
CA LYS C 65 -9.17 -14.71 33.10
C LYS C 65 -7.96 -15.58 33.43
N LEU C 66 -6.74 -15.01 33.51
CA LEU C 66 -5.48 -15.75 33.77
C LEU C 66 -5.20 -15.86 35.29
N LEU C 67 -5.86 -15.02 36.11
CA LEU C 67 -5.63 -14.99 37.59
C LEU C 67 -6.05 -16.32 38.21
N SER C 68 -5.43 -16.69 39.33
CA SER C 68 -5.86 -17.82 40.20
C SER C 68 -7.16 -17.43 40.94
N GLU C 69 -7.85 -18.43 41.48
CA GLU C 69 -9.15 -18.23 42.18
C GLU C 69 -8.91 -17.32 43.39
N LYS C 70 -7.82 -17.52 44.14
CA LYS C 70 -7.43 -16.63 45.27
C LYS C 70 -7.28 -15.19 44.75
N GLU C 71 -6.52 -14.98 43.66
CA GLU C 71 -6.24 -13.64 43.07
C GLU C 71 -7.56 -12.99 42.62
N LYS C 72 -8.50 -13.76 42.07
CA LYS C 72 -9.81 -13.25 41.59
C LYS C 72 -10.70 -12.85 42.76
N GLU C 73 -10.71 -13.66 43.83
CA GLU C 73 -11.58 -13.45 45.01
C GLU C 73 -11.33 -12.05 45.60
N ILE C 74 -10.12 -11.50 45.44
CA ILE C 74 -9.79 -10.11 45.88
C ILE C 74 -10.81 -9.13 45.26
N TYR C 75 -11.28 -9.38 44.03
CA TYR C 75 -12.24 -8.51 43.31
C TYR C 75 -13.68 -8.99 43.52
N ARG C 76 -13.88 -10.31 43.55
CA ARG C 76 -15.22 -10.92 43.67
C ARG C 76 -15.78 -10.68 45.07
N TRP C 77 -14.94 -10.60 46.10
CA TRP C 77 -15.39 -10.56 47.53
C TRP C 77 -16.14 -9.26 47.81
N PRO C 78 -15.55 -8.06 47.57
CA PRO C 78 -16.28 -6.81 47.78
C PRO C 78 -17.59 -6.70 46.99
N ILE C 79 -17.66 -7.38 45.83
CA ILE C 79 -18.87 -7.38 44.96
C ILE C 79 -19.93 -8.28 45.60
N LYS C 80 -19.53 -9.47 46.00
CA LYS C 80 -20.42 -10.43 46.71
C LYS C 80 -20.97 -9.74 47.96
N GLU C 81 -20.14 -9.03 48.71
CA GLU C 81 -20.56 -8.34 49.97
C GLU C 81 -21.63 -7.30 49.63
N SER C 82 -21.32 -6.41 48.69
CA SER C 82 -22.24 -5.37 48.15
C SER C 82 -23.61 -5.97 47.85
N LEU C 83 -23.64 -7.01 47.01
CA LEU C 83 -24.89 -7.67 46.57
C LEU C 83 -25.59 -8.34 47.77
N LYS C 84 -24.83 -8.87 48.73
CA LYS C 84 -25.42 -9.55 49.92
C LYS C 84 -26.14 -8.51 50.79
N THR C 85 -25.53 -7.35 51.00
CA THR C 85 -26.12 -6.21 51.76
C THR C 85 -27.48 -5.87 51.14
N MET C 86 -27.54 -5.82 49.81
CA MET C 86 -28.77 -5.47 49.06
C MET C 86 -29.85 -6.50 49.35
N LEU C 87 -29.50 -7.77 49.21
CA LEU C 87 -30.42 -8.93 49.39
C LEU C 87 -30.82 -9.03 50.86
N ALA C 88 -29.91 -8.71 51.79
CA ALA C 88 -30.16 -8.70 53.24
C ALA C 88 -31.24 -7.67 53.58
N TRP C 89 -31.37 -6.60 52.78
CA TRP C 89 -32.40 -5.54 52.97
C TRP C 89 -33.71 -5.85 52.25
N GLY C 90 -33.79 -6.96 51.52
CA GLY C 90 -35.01 -7.36 50.78
C GLY C 90 -35.11 -6.70 49.43
N TRP C 91 -34.06 -5.98 49.00
CA TRP C 91 -33.96 -5.43 47.63
C TRP C 91 -33.98 -6.59 46.63
N ARG C 92 -34.68 -6.40 45.51
CA ARG C 92 -34.76 -7.37 44.40
C ARG C 92 -33.72 -6.97 43.34
N ILE C 93 -33.10 -7.99 42.74
CA ILE C 93 -32.12 -7.84 41.63
C ILE C 93 -32.66 -8.70 40.49
N GLU C 94 -33.17 -8.05 39.44
CA GLU C 94 -33.97 -8.68 38.37
C GLU C 94 -33.43 -8.22 37.01
N ARG C 95 -33.57 -9.06 35.99
CA ARG C 95 -33.27 -8.65 34.60
C ARG C 95 -34.28 -7.56 34.24
N THR C 96 -33.85 -6.55 33.51
CA THR C 96 -34.70 -5.51 32.89
C THR C 96 -35.87 -6.23 32.19
N ARG C 97 -37.01 -5.57 31.98
CA ARG C 97 -38.13 -6.13 31.15
C ARG C 97 -37.69 -6.17 29.68
N GLU C 98 -38.23 -7.10 28.90
CA GLU C 98 -38.00 -7.20 27.43
C GLU C 98 -38.55 -5.99 26.67
N GLY C 99 -39.86 -5.76 26.79
CA GLY C 99 -40.62 -4.75 26.04
C GLY C 99 -40.06 -3.36 26.24
N ASP C 100 -39.18 -3.19 27.23
CA ASP C 100 -38.38 -1.95 27.42
C ASP C 100 -37.48 -1.70 26.21
N SER C 101 -36.85 -2.75 25.64
CA SER C 101 -35.87 -2.64 24.51
C SER C 101 -36.39 -1.70 23.42
N MET C 102 -37.60 -1.95 22.92
CA MET C 102 -38.17 -1.28 21.71
C MET C 102 -38.12 0.24 21.89
N ALA C 103 -38.12 0.73 23.14
CA ALA C 103 -38.25 2.17 23.49
C ALA C 103 -36.88 2.85 23.58
N LEU C 104 -35.85 2.13 24.03
CA LEU C 104 -34.53 2.75 24.32
C LEU C 104 -33.49 2.35 23.27
N TYR C 105 -33.83 1.54 22.27
CA TYR C 105 -33.00 1.36 21.04
C TYR C 105 -32.95 2.68 20.26
N ASN C 106 -31.74 3.10 19.86
CA ASN C 106 -31.50 4.26 18.96
C ASN C 106 -31.76 3.81 17.52
N ARG C 107 -32.87 4.26 16.94
CA ARG C 107 -33.46 3.76 15.67
C ARG C 107 -32.81 4.45 14.46
N THR C 108 -31.76 5.27 14.68
CA THR C 108 -31.08 6.12 13.66
C THR C 108 -30.34 5.26 12.65
N ARG C 109 -30.36 5.65 11.38
CA ARG C 109 -29.62 5.00 10.25
C ARG C 109 -28.19 4.68 10.69
N ARG C 110 -27.66 3.52 10.31
CA ARG C 110 -26.30 3.08 10.72
C ARG C 110 -25.38 3.23 9.51
N ILE C 111 -24.25 3.93 9.69
CA ILE C 111 -23.24 4.16 8.63
C ILE C 111 -22.08 3.21 8.90
N SER C 112 -21.79 2.31 7.98
CA SER C 112 -20.66 1.36 8.08
C SER C 112 -19.36 2.14 7.90
N GLN C 113 -18.26 1.63 8.47
CA GLN C 113 -16.92 2.27 8.40
C GLN C 113 -15.85 1.17 8.51
N THR C 114 -14.64 1.47 8.04
CA THR C 114 -13.40 0.70 8.29
C THR C 114 -12.67 1.38 9.44
N SER C 115 -11.95 0.62 10.27
CA SER C 115 -11.34 1.10 11.53
C SER C 115 -9.85 0.70 11.58
N GLN C 116 -8.99 1.61 12.05
CA GLN C 116 -7.54 1.37 12.24
C GLN C 116 -7.30 0.88 13.69
N VAL C 117 -8.07 1.42 14.64
CA VAL C 117 -8.05 1.05 16.09
C VAL C 117 -8.72 -0.32 16.27
N SER C 118 -7.97 -1.29 16.79
CA SER C 118 -8.47 -2.65 17.14
C SER C 118 -9.38 -2.55 18.36
N ILE C 119 -10.06 -3.65 18.69
CA ILE C 119 -11.14 -3.69 19.73
C ILE C 119 -11.11 -5.04 20.48
N ASP C 120 -10.02 -5.82 20.31
CA ASP C 120 -9.95 -7.27 20.64
C ASP C 120 -9.49 -7.49 22.09
N ALA C 121 -8.68 -6.58 22.66
CA ALA C 121 -8.01 -6.72 23.98
C ALA C 121 -8.31 -5.51 24.89
N ALA C 122 -9.59 -5.33 25.23
CA ALA C 122 -10.09 -4.42 26.30
C ALA C 122 -9.96 -5.13 27.67
N HIS C 123 -9.87 -6.46 27.63
CA HIS C 123 -9.65 -7.36 28.80
C HIS C 123 -8.27 -8.01 28.70
N GLY C 124 -7.34 -7.39 27.97
CA GLY C 124 -5.97 -7.90 27.74
C GLY C 124 -4.95 -7.21 28.64
N TYR C 125 -3.69 -7.15 28.20
CA TYR C 125 -2.57 -6.52 28.94
C TYR C 125 -2.63 -4.98 28.82
N SER C 126 -3.39 -4.45 27.85
CA SER C 126 -3.68 -3.00 27.68
C SER C 126 -5.18 -2.77 27.76
N PRO C 127 -5.78 -2.90 28.98
CA PRO C 127 -7.22 -2.94 29.10
C PRO C 127 -7.85 -1.54 28.92
N ARG C 128 -9.10 -1.53 28.46
CA ARG C 128 -9.99 -0.34 28.56
C ARG C 128 -11.22 -0.77 29.36
N ALA C 129 -11.22 -0.53 30.67
CA ALA C 129 -12.43 -0.63 31.51
C ALA C 129 -13.45 0.36 30.95
N ILE C 130 -14.69 -0.08 30.76
CA ILE C 130 -15.82 0.77 30.29
C ILE C 130 -15.89 2.02 31.20
N ASP C 131 -16.16 3.17 30.59
CA ASP C 131 -16.33 4.49 31.26
C ASP C 131 -17.83 4.68 31.47
N MET C 132 -18.26 4.80 32.72
CA MET C 132 -19.68 4.85 33.13
C MET C 132 -20.02 6.25 33.67
N SER C 133 -19.29 7.28 33.26
CA SER C 133 -19.48 8.68 33.73
C SER C 133 -20.77 9.27 33.14
N ASN C 134 -21.35 8.64 32.10
CA ASN C 134 -22.59 9.14 31.43
C ASN C 134 -23.81 8.27 31.77
N VAL C 135 -23.62 7.13 32.44
CA VAL C 135 -24.73 6.22 32.86
C VAL C 135 -25.48 6.92 34.00
N THR C 136 -26.74 7.29 33.81
CA THR C 136 -27.54 8.09 34.79
C THR C 136 -28.28 7.14 35.74
N LEU C 137 -28.45 7.55 36.98
CA LEU C 137 -29.22 6.80 38.00
C LEU C 137 -30.49 7.58 38.32
N SER C 138 -31.63 6.86 38.40
CA SER C 138 -32.94 7.39 38.85
C SER C 138 -32.77 8.05 40.21
N ARG C 139 -33.73 8.88 40.61
CA ARG C 139 -33.82 9.49 41.96
C ARG C 139 -33.76 8.37 43.02
N ASP C 140 -34.56 7.32 42.88
CA ASP C 140 -34.63 6.26 43.92
C ASP C 140 -33.28 5.54 44.01
N LEU C 141 -32.63 5.25 42.88
CA LEU C 141 -31.35 4.49 42.85
C LEU C 141 -30.21 5.33 43.45
N HIS C 142 -30.24 6.66 43.33
CA HIS C 142 -29.26 7.56 44.01
CA HIS C 142 -29.28 7.58 44.00
C HIS C 142 -29.45 7.44 45.52
N ALA C 143 -30.69 7.59 46.01
CA ALA C 143 -31.03 7.49 47.45
C ALA C 143 -30.55 6.12 47.94
N MET C 144 -30.71 5.09 47.11
CA MET C 144 -30.32 3.72 47.48
C MET C 144 -28.79 3.63 47.54
N ALA C 145 -28.08 4.18 46.56
CA ALA C 145 -26.60 4.18 46.54
C ALA C 145 -26.09 4.84 47.83
N GLU C 146 -26.73 5.93 48.24
CA GLU C 146 -26.40 6.71 49.47
C GLU C 146 -26.57 5.81 50.71
N MET C 147 -27.53 4.89 50.71
CA MET C 147 -27.71 3.93 51.83
C MET C 147 -26.58 2.90 51.82
N MET C 148 -26.24 2.35 50.65
CA MET C 148 -25.08 1.45 50.43
C MET C 148 -23.80 2.17 50.88
N ALA C 149 -23.64 3.44 50.51
CA ALA C 149 -22.46 4.26 50.85
C ALA C 149 -22.34 4.32 52.38
N GLU C 150 -23.45 4.63 53.05
CA GLU C 150 -23.54 4.69 54.54
C GLU C 150 -23.13 3.32 55.11
N ASN C 151 -23.65 2.22 54.56
CA ASN C 151 -23.27 0.85 55.01
C ASN C 151 -21.76 0.66 54.87
N TYR C 152 -21.15 1.03 53.72
CA TYR C 152 -19.69 0.92 53.50
C TYR C 152 -18.97 1.67 54.62
N HIS C 153 -19.36 2.92 54.90
CA HIS C 153 -18.77 3.75 55.98
C HIS C 153 -18.81 2.98 57.30
N ASN C 154 -19.97 2.41 57.64
CA ASN C 154 -20.23 1.71 58.94
C ASN C 154 -19.32 0.48 59.05
N ILE C 155 -19.28 -0.36 58.00
CA ILE C 155 -18.33 -1.50 57.89
C ILE C 155 -16.92 -1.01 58.26
N TRP C 156 -16.43 0.00 57.55
CA TRP C 156 -15.06 0.57 57.73
C TRP C 156 -14.89 1.13 59.14
N ALA C 157 -15.91 1.80 59.68
CA ALA C 157 -15.88 2.52 60.99
C ALA C 157 -15.68 1.52 62.14
N LYS C 158 -16.33 0.36 62.04
CA LYS C 158 -16.23 -0.75 63.03
C LYS C 158 -14.82 -1.35 63.00
N LYS C 159 -14.29 -1.70 61.81
CA LYS C 159 -12.90 -2.22 61.61
C LYS C 159 -11.88 -1.25 62.23
N LYS C 160 -12.07 0.07 62.02
CA LYS C 160 -11.17 1.15 62.55
C LYS C 160 -11.43 1.36 64.05
N LYS C 161 -12.66 1.16 64.53
CA LYS C 161 -13.03 1.24 65.98
C LYS C 161 -12.47 0.04 66.77
N LEU C 162 -11.39 -0.60 66.30
CA LEU C 162 -10.53 -1.48 67.15
C LEU C 162 -9.56 -0.59 67.94
N GLU C 163 -9.57 -0.73 69.27
CA GLU C 163 -8.81 0.12 70.25
C GLU C 163 -7.66 -0.70 70.86
N LEU C 164 -6.50 -0.08 71.11
CA LEU C 164 -5.26 -0.77 71.59
C LEU C 164 -4.23 0.28 72.06
N ASN C 171 -8.33 8.47 68.69
CA ASN C 171 -8.96 9.81 68.70
C ASN C 171 -9.18 10.28 67.25
N HIS C 172 -10.01 9.58 66.47
CA HIS C 172 -10.07 9.67 64.97
C HIS C 172 -11.17 10.63 64.46
N PRO C 173 -10.84 11.54 63.50
CA PRO C 173 -11.82 12.47 62.91
C PRO C 173 -13.05 11.87 62.21
N LEU C 174 -12.86 10.85 61.36
CA LEU C 174 -13.90 10.29 60.45
C LEU C 174 -14.76 9.21 61.13
N LEU C 175 -14.61 8.95 62.44
CA LEU C 175 -15.48 8.00 63.20
C LEU C 175 -16.77 8.71 63.63
N VAL C 176 -17.45 9.34 62.68
CA VAL C 176 -18.75 10.04 62.87
C VAL C 176 -19.77 9.35 61.96
N PRO C 177 -21.08 9.59 62.17
CA PRO C 177 -22.09 9.10 61.24
C PRO C 177 -21.83 9.62 59.82
N TYR C 178 -22.18 8.80 58.83
CA TYR C 178 -22.09 9.12 57.38
C TYR C 178 -22.74 10.48 57.10
N ASP C 179 -23.92 10.72 57.68
CA ASP C 179 -24.79 11.92 57.44
C ASP C 179 -24.11 13.22 57.90
N THR C 180 -23.13 13.16 58.81
CA THR C 180 -22.39 14.35 59.32
C THR C 180 -21.15 14.66 58.47
N LEU C 181 -20.76 13.75 57.55
CA LEU C 181 -19.54 13.88 56.67
C LEU C 181 -19.79 14.88 55.53
N THR C 182 -18.76 15.63 55.14
CA THR C 182 -18.78 16.54 53.97
C THR C 182 -18.95 15.71 52.70
N ALA C 183 -19.43 16.34 51.63
CA ALA C 183 -19.51 15.75 50.27
C ALA C 183 -18.19 15.05 49.94
N ALA C 184 -17.07 15.77 50.02
CA ALA C 184 -15.71 15.25 49.76
C ALA C 184 -15.45 13.98 50.59
N GLU C 185 -15.75 13.99 51.89
CA GLU C 185 -15.49 12.86 52.83
C GLU C 185 -16.30 11.62 52.44
N LYS C 186 -17.53 11.80 51.90
CA LYS C 186 -18.43 10.68 51.50
C LYS C 186 -18.02 10.08 50.15
N ALA C 187 -17.20 10.78 49.37
CA ALA C 187 -17.00 10.56 47.92
C ALA C 187 -16.58 9.12 47.60
N LYS C 188 -15.61 8.56 48.33
CA LYS C 188 -15.09 7.19 48.07
C LYS C 188 -16.24 6.18 48.23
N ASP C 189 -17.05 6.29 49.29
CA ASP C 189 -18.16 5.34 49.58
C ASP C 189 -19.28 5.52 48.54
N ARG C 190 -19.64 6.77 48.22
CA ARG C 190 -20.60 7.10 47.13
C ARG C 190 -20.16 6.42 45.84
N GLU C 191 -18.92 6.69 45.41
CA GLU C 191 -18.38 6.24 44.10
C GLU C 191 -18.57 4.72 44.03
N LYS C 192 -18.19 4.00 45.10
CA LYS C 192 -18.27 2.51 45.13
C LYS C 192 -19.74 2.06 44.96
N ALA C 193 -20.69 2.73 45.61
CA ALA C 193 -22.13 2.40 45.56
C ALA C 193 -22.69 2.67 44.16
N GLN C 194 -22.45 3.85 43.60
CA GLN C 194 -22.96 4.24 42.26
C GLN C 194 -22.40 3.32 41.19
N ASP C 195 -21.15 2.86 41.37
CA ASP C 195 -20.43 2.02 40.37
C ASP C 195 -21.13 0.66 40.24
N ILE C 196 -21.51 0.02 41.34
CA ILE C 196 -22.14 -1.32 41.25
C ILE C 196 -23.57 -1.16 40.71
N PHE C 197 -24.25 -0.05 41.01
CA PHE C 197 -25.58 0.26 40.39
C PHE C 197 -25.39 0.54 38.90
N LYS C 198 -24.45 1.42 38.53
CA LYS C 198 -24.17 1.72 37.10
C LYS C 198 -23.87 0.43 36.35
N PHE C 199 -23.05 -0.46 36.91
CA PHE C 199 -22.59 -1.67 36.20
C PHE C 199 -23.75 -2.68 36.10
N LEU C 200 -24.56 -2.81 37.15
CA LEU C 200 -25.77 -3.67 37.10
C LEU C 200 -26.68 -3.17 35.96
N GLN C 201 -26.83 -1.85 35.84
CA GLN C 201 -27.72 -1.19 34.85
C GLN C 201 -27.30 -1.56 33.41
N ILE C 202 -26.02 -1.38 33.07
CA ILE C 202 -25.52 -1.62 31.69
C ILE C 202 -25.50 -3.13 31.42
N SER C 203 -25.46 -3.96 32.47
CA SER C 203 -25.50 -5.45 32.36
C SER C 203 -26.94 -5.96 32.25
N GLY C 204 -27.95 -5.08 32.40
CA GLY C 204 -29.38 -5.40 32.15
C GLY C 204 -30.11 -5.82 33.41
N TYR C 205 -29.70 -5.29 34.56
CA TYR C 205 -30.27 -5.60 35.90
C TYR C 205 -30.86 -4.34 36.52
N VAL C 206 -32.07 -4.42 37.06
CA VAL C 206 -32.71 -3.34 37.85
C VAL C 206 -32.67 -3.76 39.31
N VAL C 207 -32.14 -2.90 40.19
CA VAL C 207 -32.28 -3.05 41.67
C VAL C 207 -33.51 -2.24 42.11
N SER C 208 -34.46 -2.87 42.79
CA SER C 208 -35.69 -2.23 43.28
C SER C 208 -35.91 -2.59 44.76
N ARG C 209 -36.73 -1.80 45.43
CA ARG C 209 -37.16 -2.03 46.83
C ARG C 209 -38.67 -1.81 46.87
N PHE D 5 57.58 50.53 -17.16
CA PHE D 5 56.92 49.27 -17.63
C PHE D 5 56.00 49.60 -18.82
N ASN D 6 56.23 48.96 -19.97
CA ASN D 6 55.47 49.15 -21.24
C ASN D 6 55.07 47.79 -21.83
N PRO D 7 53.82 47.32 -21.63
CA PRO D 7 53.40 46.00 -22.08
C PRO D 7 52.91 45.94 -23.54
N GLN D 8 53.40 44.96 -24.29
CA GLN D 8 52.90 44.65 -25.67
C GLN D 8 52.35 43.23 -25.67
N PRO D 9 51.02 43.04 -25.55
CA PRO D 9 50.39 41.74 -25.81
C PRO D 9 50.54 41.34 -27.29
N VAL D 10 50.60 40.04 -27.58
CA VAL D 10 50.85 39.60 -28.99
C VAL D 10 49.65 40.00 -29.84
N ASP D 11 49.92 40.54 -31.04
CA ASP D 11 48.90 40.91 -32.05
C ASP D 11 48.19 39.65 -32.52
N THR D 12 46.86 39.57 -32.41
CA THR D 12 46.06 38.40 -32.88
C THR D 12 45.16 38.81 -34.06
N SER D 13 45.39 40.00 -34.62
CA SER D 13 44.58 40.66 -35.68
C SER D 13 44.38 39.74 -36.90
N ASN D 14 45.42 39.01 -37.31
CA ASN D 14 45.45 38.26 -38.59
C ASN D 14 45.63 36.75 -38.36
N ILE D 15 45.56 36.30 -37.12
CA ILE D 15 45.46 34.84 -36.80
C ILE D 15 44.02 34.39 -37.07
N THR D 16 43.88 33.31 -37.84
CA THR D 16 42.61 32.66 -38.25
C THR D 16 42.56 31.28 -37.59
N ILE D 17 41.59 31.05 -36.71
CA ILE D 17 41.48 29.76 -35.95
C ILE D 17 41.04 28.67 -36.93
N PRO D 18 41.73 27.51 -36.97
CA PRO D 18 41.31 26.40 -37.83
C PRO D 18 39.88 25.96 -37.51
N GLU D 19 39.10 25.59 -38.53
CA GLU D 19 37.68 25.17 -38.38
C GLU D 19 37.58 23.94 -37.46
N LYS D 20 38.63 23.12 -37.37
CA LYS D 20 38.59 21.85 -36.59
C LYS D 20 38.50 22.17 -35.09
N LEU D 21 38.64 23.44 -34.67
CA LEU D 21 38.60 23.86 -33.24
C LEU D 21 37.21 24.39 -32.84
N GLU D 22 36.27 24.55 -33.77
CA GLU D 22 34.94 25.16 -33.45
C GLU D 22 34.22 24.26 -32.44
N TYR D 23 34.34 22.94 -32.56
CA TYR D 23 33.70 22.01 -31.60
C TYR D 23 34.17 22.34 -30.18
N PHE D 24 35.49 22.49 -29.99
CA PHE D 24 36.12 22.74 -28.68
C PHE D 24 35.69 24.09 -28.13
N ILE D 25 35.70 25.14 -28.97
CA ILE D 25 35.32 26.51 -28.55
C ILE D 25 33.90 26.45 -27.97
N ASN D 26 32.99 25.79 -28.68
CA ASN D 26 31.56 25.77 -28.32
C ASN D 26 31.38 25.00 -27.02
N LYS D 27 32.16 23.91 -26.86
CA LYS D 27 32.07 23.01 -25.70
C LYS D 27 32.65 23.74 -24.47
N TYR D 28 33.80 24.38 -24.61
CA TYR D 28 34.45 25.14 -23.51
C TYR D 28 33.56 26.32 -23.14
N ALA D 29 32.91 26.96 -24.12
CA ALA D 29 31.99 28.09 -23.89
C ALA D 29 30.83 27.63 -23.00
N GLU D 30 30.19 26.51 -23.37
CA GLU D 30 29.09 25.87 -22.61
C GLU D 30 29.58 25.60 -21.17
N HIS D 31 30.76 24.97 -21.04
CA HIS D 31 31.37 24.61 -19.72
C HIS D 31 31.48 25.88 -18.86
N SER D 32 31.99 26.96 -19.45
CA SER D 32 32.26 28.24 -18.75
C SER D 32 30.94 28.85 -18.30
N HIS D 33 29.93 28.82 -19.18
CA HIS D 33 28.59 29.35 -18.89
C HIS D 33 27.98 28.60 -17.70
N ASP D 34 28.15 27.27 -17.67
CA ASP D 34 27.60 26.40 -16.61
C ASP D 34 28.28 26.75 -15.27
N LYS D 35 29.62 26.76 -15.24
CA LYS D 35 30.42 27.17 -14.05
C LYS D 35 29.90 28.50 -13.52
N TRP D 36 29.67 29.45 -14.44
CA TRP D 36 29.21 30.83 -14.13
C TRP D 36 27.84 30.76 -13.47
N SER D 37 26.91 29.98 -14.04
CA SER D 37 25.52 29.79 -13.56
C SER D 37 25.54 29.13 -12.17
N MET D 38 26.25 28.00 -12.06
CA MET D 38 26.50 27.28 -10.79
C MET D 38 26.92 28.29 -9.71
N ASP D 39 27.86 29.16 -10.05
CA ASP D 39 28.43 30.14 -9.09
C ASP D 39 27.38 31.17 -8.71
N LYS D 40 26.48 31.54 -9.63
CA LYS D 40 25.37 32.46 -9.31
C LYS D 40 24.41 31.76 -8.33
N LEU D 41 24.05 30.50 -8.59
CA LEU D 41 23.16 29.68 -7.71
C LEU D 41 23.76 29.64 -6.30
N ALA D 42 25.08 29.48 -6.18
CA ALA D 42 25.82 29.47 -4.90
C ALA D 42 25.65 30.81 -4.18
N ASN D 43 25.57 31.93 -4.91
CA ASN D 43 25.47 33.32 -4.36
C ASN D 43 24.02 33.82 -4.33
N GLY D 44 23.02 32.92 -4.42
CA GLY D 44 21.61 33.22 -4.13
C GLY D 44 20.94 34.02 -5.23
N TRP D 45 21.44 33.90 -6.47
CA TRP D 45 20.74 34.34 -7.72
C TRP D 45 19.86 33.17 -8.18
N ILE D 46 18.87 33.46 -9.01
CA ILE D 46 17.89 32.46 -9.53
C ILE D 46 17.43 32.93 -10.91
N TYR D 47 17.21 32.00 -11.85
CA TYR D 47 16.69 32.32 -13.19
C TYR D 47 15.37 33.10 -13.06
N GLY D 48 15.12 34.02 -13.99
CA GLY D 48 13.86 34.77 -14.11
C GLY D 48 13.76 35.52 -15.42
N GLU D 49 12.54 35.68 -15.94
CA GLU D 49 12.25 36.31 -17.26
C GLU D 49 12.94 37.66 -17.40
N ILE D 50 12.76 38.56 -16.42
CA ILE D 50 13.24 39.98 -16.46
C ILE D 50 14.39 40.15 -15.46
N TYR D 51 15.47 40.86 -15.86
CA TYR D 51 16.68 41.11 -15.03
C TYR D 51 16.31 41.99 -13.83
N SER D 52 16.90 41.71 -12.66
CA SER D 52 16.69 42.45 -11.38
C SER D 52 17.88 42.30 -10.44
N ASP D 53 18.34 43.42 -9.85
CA ASP D 53 19.39 43.46 -8.80
C ASP D 53 18.74 43.19 -7.44
N SER D 54 17.78 44.02 -7.03
CA SER D 54 17.10 43.95 -5.71
C SER D 54 16.65 42.51 -5.43
N SER D 55 16.06 41.83 -6.42
CA SER D 55 15.47 40.47 -6.30
C SER D 55 16.47 39.37 -6.70
N LYS D 56 17.55 39.72 -7.41
CA LYS D 56 18.62 38.78 -7.85
C LYS D 56 18.06 37.77 -8.86
N ILE D 57 17.32 38.25 -9.86
CA ILE D 57 16.80 37.42 -10.99
C ILE D 57 17.71 37.69 -12.20
N GLN D 58 18.31 36.63 -12.77
CA GLN D 58 19.27 36.68 -13.91
C GLN D 58 18.70 35.86 -15.07
N PRO D 59 18.21 36.50 -16.16
CA PRO D 59 17.66 35.75 -17.30
C PRO D 59 18.72 34.99 -18.13
N LEU D 60 20.00 35.21 -17.86
CA LEU D 60 21.12 34.51 -18.57
C LEU D 60 21.39 33.15 -17.92
N MET D 61 20.73 32.84 -16.80
CA MET D 61 20.91 31.55 -16.05
C MET D 61 20.03 30.45 -16.66
N LYS D 62 20.09 30.29 -17.97
CA LYS D 62 19.39 29.24 -18.75
C LYS D 62 20.47 28.47 -19.50
N PRO D 63 20.18 27.31 -20.11
CA PRO D 63 21.18 26.56 -20.88
C PRO D 63 21.89 27.43 -21.94
N TYR D 64 23.16 27.11 -22.24
CA TYR D 64 24.00 27.79 -23.26
C TYR D 64 23.27 27.76 -24.61
N LYS D 65 22.66 26.62 -24.94
CA LYS D 65 21.93 26.36 -26.23
C LYS D 65 20.78 27.35 -26.46
N LEU D 66 20.20 27.95 -25.41
CA LEU D 66 19.05 28.92 -25.52
C LEU D 66 19.55 30.36 -25.68
N LEU D 67 20.82 30.63 -25.36
CA LEU D 67 21.41 32.00 -25.45
C LEU D 67 21.45 32.45 -26.92
N SER D 68 21.34 33.75 -27.15
CA SER D 68 21.56 34.40 -28.47
C SER D 68 23.05 34.38 -28.80
N GLU D 69 23.39 34.64 -30.06
CA GLU D 69 24.78 34.63 -30.55
C GLU D 69 25.57 35.70 -29.80
N LYS D 70 24.99 36.89 -29.60
CA LYS D 70 25.62 37.97 -28.77
C LYS D 70 25.89 37.45 -27.35
N GLU D 71 24.90 36.83 -26.69
CA GLU D 71 25.03 36.30 -25.31
C GLU D 71 26.12 35.22 -25.24
N LYS D 72 26.25 34.38 -26.28
CA LYS D 72 27.28 33.30 -26.34
C LYS D 72 28.67 33.92 -26.53
N GLU D 73 28.79 34.93 -27.39
CA GLU D 73 30.07 35.61 -27.74
C GLU D 73 30.78 36.08 -26.46
N ILE D 74 30.03 36.42 -25.41
CA ILE D 74 30.61 36.80 -24.08
C ILE D 74 31.59 35.71 -23.63
N TYR D 75 31.29 34.44 -23.91
CA TYR D 75 32.13 33.26 -23.50
C TYR D 75 33.08 32.89 -24.66
N ARG D 76 32.60 32.93 -25.90
CA ARG D 76 33.34 32.45 -27.10
C ARG D 76 34.52 33.38 -27.40
N TRP D 77 34.38 34.68 -27.13
CA TRP D 77 35.36 35.71 -27.58
C TRP D 77 36.69 35.55 -26.81
N PRO D 78 36.68 35.56 -25.45
CA PRO D 78 37.91 35.32 -24.70
C PRO D 78 38.57 33.96 -25.00
N ILE D 79 37.80 32.96 -25.43
CA ILE D 79 38.33 31.61 -25.80
C ILE D 79 39.04 31.72 -27.15
N LYS D 80 38.38 32.35 -28.12
CA LYS D 80 38.97 32.62 -29.46
C LYS D 80 40.29 33.41 -29.27
N GLU D 81 40.30 34.43 -28.40
CA GLU D 81 41.49 35.27 -28.12
C GLU D 81 42.61 34.38 -27.58
N SER D 82 42.35 33.64 -26.50
CA SER D 82 43.28 32.66 -25.87
C SER D 82 43.93 31.80 -26.95
N LEU D 83 43.13 31.12 -27.78
CA LEU D 83 43.60 30.20 -28.84
C LEU D 83 44.41 30.97 -29.89
N LYS D 84 44.02 32.22 -30.19
CA LYS D 84 44.72 33.03 -31.23
C LYS D 84 46.12 33.39 -30.72
N THR D 85 46.24 33.78 -29.46
CA THR D 85 47.53 34.08 -28.79
C THR D 85 48.46 32.88 -28.96
N MET D 86 47.93 31.67 -28.72
CA MET D 86 48.70 30.40 -28.80
C MET D 86 49.22 30.23 -30.24
N LEU D 87 48.33 30.36 -31.21
CA LEU D 87 48.61 30.16 -32.65
C LEU D 87 49.56 31.27 -33.15
N ALA D 88 49.41 32.49 -32.63
CA ALA D 88 50.26 33.66 -32.93
C ALA D 88 51.70 33.37 -32.49
N TRP D 89 51.90 32.53 -31.48
CA TRP D 89 53.26 32.16 -30.97
C TRP D 89 53.82 30.93 -31.69
N GLY D 90 53.08 30.34 -32.63
CA GLY D 90 53.54 29.16 -33.38
C GLY D 90 53.26 27.87 -32.65
N TRP D 91 52.55 27.91 -31.51
CA TRP D 91 52.10 26.71 -30.77
C TRP D 91 51.18 25.89 -31.67
N ARG D 92 51.30 24.57 -31.64
CA ARG D 92 50.38 23.62 -32.31
C ARG D 92 49.30 23.18 -31.32
N ILE D 93 48.06 23.08 -31.78
CA ILE D 93 46.88 22.63 -30.97
C ILE D 93 46.22 21.51 -31.75
N GLU D 94 46.43 20.27 -31.36
CA GLU D 94 46.06 19.07 -32.17
C GLU D 94 45.28 18.10 -31.27
N ARG D 95 44.13 17.63 -31.76
CA ARG D 95 43.30 16.58 -31.09
C ARG D 95 43.96 15.25 -31.43
N THR D 96 44.53 14.56 -30.44
CA THR D 96 45.40 13.36 -30.66
C THR D 96 45.01 12.21 -29.72
N ARG D 97 44.26 12.47 -28.63
CA ARG D 97 43.61 11.41 -27.79
C ARG D 97 42.09 11.51 -27.95
N GLU D 98 41.37 10.48 -27.52
CA GLU D 98 39.90 10.55 -27.29
C GLU D 98 39.69 11.49 -26.08
N GLY D 99 38.57 12.22 -26.03
CA GLY D 99 38.21 13.05 -24.88
C GLY D 99 38.06 12.20 -23.61
N ASP D 100 38.64 12.67 -22.50
CA ASP D 100 38.52 12.04 -21.16
C ASP D 100 37.19 12.50 -20.53
N SER D 101 36.26 11.56 -20.34
CA SER D 101 34.87 11.80 -19.87
C SER D 101 34.80 12.14 -18.38
N MET D 102 35.91 12.07 -17.61
CA MET D 102 36.00 12.62 -16.23
C MET D 102 34.90 12.01 -15.34
N ALA D 103 34.36 10.84 -15.69
CA ALA D 103 33.26 10.17 -14.97
C ALA D 103 33.70 8.73 -14.67
N LEU D 104 33.83 8.37 -13.39
CA LEU D 104 34.23 6.98 -13.00
C LEU D 104 32.99 6.25 -12.45
N TYR D 105 32.54 5.20 -13.14
CA TYR D 105 31.38 4.39 -12.73
C TYR D 105 31.70 3.59 -11.48
N ASN D 106 30.81 3.64 -10.49
CA ASN D 106 30.86 2.79 -9.26
C ASN D 106 30.23 1.43 -9.62
N ARG D 107 31.07 0.39 -9.69
CA ARG D 107 30.73 -0.95 -10.25
C ARG D 107 30.05 -1.84 -9.19
N THR D 108 29.72 -1.29 -8.02
CA THR D 108 29.16 -2.02 -6.84
C THR D 108 27.74 -2.51 -7.15
N ARG D 109 27.41 -3.70 -6.66
CA ARG D 109 26.08 -4.35 -6.78
C ARG D 109 24.98 -3.35 -6.42
N ARG D 110 23.88 -3.37 -7.16
CA ARG D 110 22.75 -2.42 -6.99
C ARG D 110 21.60 -3.17 -6.31
N ILE D 111 21.08 -2.61 -5.24
CA ILE D 111 19.85 -3.11 -4.53
C ILE D 111 18.69 -2.25 -5.00
N SER D 112 17.66 -2.87 -5.57
CA SER D 112 16.40 -2.18 -5.94
C SER D 112 15.64 -1.84 -4.67
N GLN D 113 14.78 -0.83 -4.69
CA GLN D 113 13.82 -0.54 -3.59
C GLN D 113 12.67 0.33 -4.08
N THR D 114 11.62 0.44 -3.25
CA THR D 114 10.40 1.25 -3.45
C THR D 114 10.59 2.55 -2.66
N SER D 115 9.95 3.64 -3.10
CA SER D 115 9.86 4.95 -2.42
C SER D 115 8.44 5.52 -2.61
N GLN D 116 7.84 6.12 -1.58
CA GLN D 116 6.49 6.75 -1.62
C GLN D 116 6.65 8.25 -1.91
N VAL D 117 7.74 8.87 -1.45
CA VAL D 117 8.11 10.29 -1.80
C VAL D 117 8.71 10.29 -3.21
N SER D 118 8.04 10.97 -4.13
CA SER D 118 8.43 11.02 -5.57
C SER D 118 9.73 11.80 -5.75
N ILE D 119 10.32 11.63 -6.94
CA ILE D 119 11.57 12.30 -7.39
C ILE D 119 11.18 13.49 -8.27
N ASP D 120 9.91 13.89 -8.23
CA ASP D 120 9.44 14.98 -9.13
C ASP D 120 9.87 16.34 -8.58
N ALA D 121 11.14 16.68 -8.79
CA ALA D 121 11.73 17.97 -8.37
C ALA D 121 11.55 18.98 -9.50
N ALA D 122 11.06 18.53 -10.67
CA ALA D 122 10.87 19.40 -11.84
C ALA D 122 12.20 20.14 -12.07
N HIS D 123 13.28 19.38 -12.22
CA HIS D 123 14.65 19.94 -12.21
C HIS D 123 14.84 21.02 -13.27
N GLY D 124 14.37 20.81 -14.50
CA GLY D 124 14.62 21.86 -15.52
C GLY D 124 16.11 22.11 -15.67
N TYR D 125 16.55 23.37 -15.61
CA TYR D 125 18.00 23.67 -15.81
C TYR D 125 18.75 23.70 -14.48
N SER D 126 19.69 22.75 -14.35
CA SER D 126 20.59 22.59 -13.19
C SER D 126 21.96 22.21 -13.77
N PRO D 127 22.92 23.15 -13.87
CA PRO D 127 24.17 22.87 -14.56
C PRO D 127 25.13 22.02 -13.71
N ARG D 128 25.92 21.16 -14.37
CA ARG D 128 26.91 20.25 -13.73
C ARG D 128 28.25 20.38 -14.47
N ALA D 129 28.88 21.56 -14.41
CA ALA D 129 30.17 21.81 -15.09
C ALA D 129 31.22 20.91 -14.46
N ILE D 130 32.00 20.22 -15.30
CA ILE D 130 33.07 19.28 -14.86
C ILE D 130 34.00 20.04 -13.90
N ASP D 131 34.45 19.35 -12.85
CA ASP D 131 35.45 19.85 -11.87
C ASP D 131 36.82 19.35 -12.34
N MET D 132 37.73 20.27 -12.67
CA MET D 132 39.06 19.95 -13.22
C MET D 132 40.15 20.33 -12.19
N SER D 133 39.81 20.30 -10.89
CA SER D 133 40.74 20.62 -9.78
C SER D 133 41.77 19.50 -9.60
N ASN D 134 41.55 18.32 -10.18
CA ASN D 134 42.46 17.15 -10.09
C ASN D 134 43.17 16.86 -11.42
N VAL D 135 42.85 17.59 -12.49
CA VAL D 135 43.54 17.46 -13.80
C VAL D 135 44.93 18.08 -13.63
N THR D 136 46.00 17.30 -13.76
CA THR D 136 47.39 17.80 -13.58
C THR D 136 47.93 18.25 -14.94
N LEU D 137 48.77 19.28 -14.92
CA LEU D 137 49.50 19.75 -16.12
C LEU D 137 50.99 19.41 -15.92
N SER D 138 51.59 18.78 -16.93
CA SER D 138 53.05 18.58 -17.12
C SER D 138 53.80 19.87 -16.78
N ARG D 139 55.09 19.74 -16.51
CA ARG D 139 56.04 20.85 -16.26
C ARG D 139 55.98 21.85 -17.43
N ASP D 140 56.10 21.40 -18.69
CA ASP D 140 56.19 22.32 -19.85
C ASP D 140 54.86 23.10 -19.97
N LEU D 141 53.72 22.42 -19.79
CA LEU D 141 52.38 23.03 -20.00
C LEU D 141 52.10 24.05 -18.90
N HIS D 142 52.60 23.85 -17.68
CA HIS D 142 52.55 24.84 -16.57
C HIS D 142 53.34 26.11 -16.97
N ALA D 143 54.58 25.95 -17.41
CA ALA D 143 55.44 27.07 -17.86
C ALA D 143 54.69 27.83 -18.97
N MET D 144 54.01 27.09 -19.84
CA MET D 144 53.27 27.69 -20.96
C MET D 144 52.07 28.46 -20.41
N ALA D 145 51.31 27.90 -19.46
CA ALA D 145 50.15 28.56 -18.82
C ALA D 145 50.60 29.89 -18.23
N GLU D 146 51.76 29.87 -17.58
CA GLU D 146 52.40 31.05 -16.93
C GLU D 146 52.71 32.13 -17.99
N MET D 147 53.05 31.74 -19.22
CA MET D 147 53.27 32.71 -20.33
C MET D 147 51.93 33.29 -20.79
N MET D 148 50.90 32.45 -20.96
CA MET D 148 49.51 32.87 -21.26
C MET D 148 49.03 33.82 -20.15
N ALA D 149 49.29 33.49 -18.88
CA ALA D 149 48.89 34.32 -17.72
C ALA D 149 49.51 35.71 -17.86
N GLU D 150 50.81 35.75 -18.15
CA GLU D 150 51.59 36.99 -18.38
C GLU D 150 50.95 37.79 -19.53
N ASN D 151 50.63 37.13 -20.64
CA ASN D 151 49.94 37.79 -21.79
C ASN D 151 48.60 38.39 -21.31
N TYR D 152 47.78 37.65 -20.55
CA TYR D 152 46.49 38.17 -20.01
C TYR D 152 46.78 39.45 -19.22
N HIS D 153 47.74 39.41 -18.29
CA HIS D 153 48.15 40.60 -17.49
C HIS D 153 48.46 41.79 -18.42
N ASN D 154 49.28 41.56 -19.46
CA ASN D 154 49.76 42.60 -20.41
C ASN D 154 48.57 43.19 -21.17
N ILE D 155 47.70 42.36 -21.72
CA ILE D 155 46.42 42.79 -22.38
C ILE D 155 45.73 43.79 -21.45
N TRP D 156 45.45 43.35 -20.21
CA TRP D 156 44.73 44.14 -19.18
C TRP D 156 45.50 45.44 -18.85
N ALA D 157 46.83 45.35 -18.72
CA ALA D 157 47.72 46.46 -18.27
C ALA D 157 47.71 47.61 -19.30
N LYS D 158 47.67 47.26 -20.59
CA LYS D 158 47.65 48.21 -21.73
C LYS D 158 46.29 48.91 -21.77
N LYS D 159 45.19 48.15 -21.67
CA LYS D 159 43.80 48.68 -21.64
C LYS D 159 43.67 49.69 -20.48
N LYS D 160 44.24 49.38 -19.31
CA LYS D 160 44.23 50.28 -18.10
C LYS D 160 45.22 51.43 -18.27
N LYS D 161 46.35 51.22 -18.95
CA LYS D 161 47.41 52.26 -19.21
C LYS D 161 46.93 53.25 -20.28
N LEU D 162 46.24 52.74 -21.31
CA LEU D 162 45.84 53.47 -22.54
C LEU D 162 44.51 54.20 -22.26
N GLU D 163 43.75 53.80 -21.24
CA GLU D 163 42.46 54.45 -20.85
C GLU D 163 42.64 55.31 -19.58
N LEU D 164 43.52 54.92 -18.64
CA LEU D 164 43.84 55.70 -17.40
C LEU D 164 44.51 57.02 -17.82
N GLU D 165 45.54 56.90 -18.66
CA GLU D 165 46.41 58.01 -19.15
C GLU D 165 45.57 59.05 -19.91
N SER D 166 44.89 58.62 -20.99
CA SER D 166 44.25 59.48 -22.02
C SER D 166 42.88 60.00 -21.59
N LYS D 167 42.26 59.42 -20.54
CA LYS D 167 41.17 60.08 -19.76
C LYS D 167 41.77 61.32 -19.07
N GLY D 168 42.21 62.31 -19.87
CA GLY D 168 43.05 63.46 -19.46
C GLY D 168 44.14 63.74 -20.47
N PRO D 173 48.14 51.23 -10.17
CA PRO D 173 48.18 50.29 -9.03
C PRO D 173 48.94 49.00 -9.33
N LEU D 174 48.41 48.12 -10.19
CA LEU D 174 49.00 46.79 -10.51
C LEU D 174 49.75 46.86 -11.85
N LEU D 175 50.22 48.06 -12.21
CA LEU D 175 50.84 48.33 -13.55
C LEU D 175 52.34 48.02 -13.47
N VAL D 176 52.67 46.80 -13.04
CA VAL D 176 54.06 46.25 -12.96
C VAL D 176 54.11 45.01 -13.85
N PRO D 177 55.31 44.52 -14.21
CA PRO D 177 55.43 43.25 -14.91
C PRO D 177 54.79 42.11 -14.11
N TYR D 178 54.26 41.12 -14.82
CA TYR D 178 53.64 39.89 -14.27
C TYR D 178 54.59 39.25 -13.25
N ASP D 179 55.89 39.15 -13.55
CA ASP D 179 56.91 38.40 -12.75
C ASP D 179 57.12 39.03 -11.37
N THR D 180 56.80 40.34 -11.22
CA THR D 180 57.02 41.11 -9.96
C THR D 180 55.78 41.01 -9.06
N LEU D 181 54.67 40.44 -9.55
CA LEU D 181 53.40 40.20 -8.80
C LEU D 181 53.56 39.01 -7.83
N THR D 182 52.96 39.10 -6.63
CA THR D 182 52.91 37.97 -5.65
C THR D 182 52.07 36.81 -6.24
N ALA D 183 52.23 35.61 -5.68
CA ALA D 183 51.41 34.42 -6.00
C ALA D 183 49.92 34.82 -6.06
N ALA D 184 49.40 35.39 -4.97
CA ALA D 184 48.00 35.84 -4.83
C ALA D 184 47.64 36.78 -5.99
N GLU D 185 48.49 37.77 -6.30
CA GLU D 185 48.20 38.80 -7.35
C GLU D 185 48.11 38.15 -8.74
N LYS D 186 48.88 37.09 -9.02
CA LYS D 186 48.91 36.39 -10.34
C LYS D 186 47.70 35.47 -10.52
N ALA D 187 47.02 35.12 -9.41
CA ALA D 187 46.08 33.97 -9.31
C ALA D 187 44.98 34.03 -10.39
N LYS D 188 44.33 35.17 -10.62
CA LYS D 188 43.22 35.28 -11.59
C LYS D 188 43.74 34.92 -12.99
N ASP D 189 44.90 35.45 -13.39
CA ASP D 189 45.47 35.22 -14.74
C ASP D 189 45.95 33.77 -14.87
N ARG D 190 46.63 33.24 -13.84
CA ARG D 190 47.03 31.82 -13.76
C ARG D 190 45.81 30.94 -13.98
N GLU D 191 44.77 31.11 -13.16
CA GLU D 191 43.58 30.23 -13.13
C GLU D 191 43.01 30.20 -14.56
N LYS D 192 42.87 31.37 -15.22
CA LYS D 192 42.29 31.45 -16.59
C LYS D 192 43.16 30.65 -17.58
N ALA D 193 44.48 30.71 -17.46
CA ALA D 193 45.44 30.00 -18.36
C ALA D 193 45.36 28.49 -18.13
N GLN D 194 45.46 28.06 -16.88
CA GLN D 194 45.43 26.60 -16.51
C GLN D 194 44.09 26.00 -16.93
N ASP D 195 43.00 26.76 -16.87
CA ASP D 195 41.62 26.28 -17.15
C ASP D 195 41.51 25.90 -18.62
N ILE D 196 42.00 26.73 -19.54
CA ILE D 196 41.87 26.42 -20.99
C ILE D 196 42.82 25.28 -21.32
N PHE D 197 43.99 25.16 -20.66
CA PHE D 197 44.90 24.00 -20.84
C PHE D 197 44.24 22.74 -20.26
N LYS D 198 43.71 22.80 -19.05
CA LYS D 198 43.03 21.63 -18.43
C LYS D 198 41.90 21.18 -19.36
N PHE D 199 41.11 22.12 -19.90
CA PHE D 199 39.91 21.77 -20.73
C PHE D 199 40.35 21.20 -22.08
N LEU D 200 41.39 21.78 -22.69
CA LEU D 200 41.94 21.25 -23.95
C LEU D 200 42.43 19.82 -23.73
N GLN D 201 43.10 19.56 -22.61
CA GLN D 201 43.66 18.23 -22.22
C GLN D 201 42.55 17.17 -22.16
N ILE D 202 41.47 17.43 -21.41
CA ILE D 202 40.38 16.44 -21.19
C ILE D 202 39.57 16.30 -22.48
N SER D 203 39.62 17.30 -23.38
CA SER D 203 38.94 17.27 -24.70
C SER D 203 39.81 16.57 -25.77
N GLY D 204 41.04 16.18 -25.43
CA GLY D 204 41.90 15.33 -26.27
C GLY D 204 42.93 16.13 -27.08
N TYR D 205 43.22 17.37 -26.68
CA TYR D 205 44.13 18.27 -27.41
C TYR D 205 45.45 18.36 -26.66
N VAL D 206 46.54 18.17 -27.39
CA VAL D 206 47.92 18.48 -26.93
C VAL D 206 48.32 19.83 -27.53
N VAL D 207 48.70 20.76 -26.66
CA VAL D 207 49.34 22.05 -27.01
C VAL D 207 50.85 21.83 -26.90
N SER D 208 51.58 22.06 -27.99
CA SER D 208 53.05 21.84 -28.05
C SER D 208 53.71 23.06 -28.70
N ARG D 209 55.01 23.21 -28.44
CA ARG D 209 55.82 24.34 -28.94
C ARG D 209 57.14 23.74 -29.45
C ACT E . 33.85 4.36 -16.74
O ACT E . 34.26 4.03 -15.60
OXT ACT E . 33.16 5.37 -16.97
CH3 ACT E . 34.22 3.46 -17.92
PG ANP F . 20.40 -12.30 -3.31
PG ANP F . 22.30 -14.10 -5.95
O1G ANP F . 21.71 -12.97 -2.91
O1G ANP F . 23.20 -15.29 -6.25
O2G ANP F . 19.96 -12.82 -4.65
O2G ANP F . 21.42 -13.86 -7.15
O3G ANP F . 20.68 -10.83 -3.44
O3G ANP F . 23.16 -12.88 -5.76
PB ANP F . 18.21 -13.84 -2.08
PB ANP F . 20.30 -13.33 -3.97
O1B ANP F . 17.39 -14.01 -3.33
O1B ANP F . 19.38 -12.78 -5.03
O2B ANP F . 17.49 -13.82 -0.76
O2B ANP F . 20.98 -12.36 -3.04
N3B ANP F . 19.25 -12.58 -2.18
N3B ANP F . 21.39 -14.37 -4.62
PA ANP F . 19.82 -16.15 -3.10
PA ANP F . 19.12 -15.79 -2.82
O1A ANP F . 21.02 -15.49 -3.69
O1A ANP F . 18.58 -15.99 -1.43
O2A ANP F . 18.76 -16.64 -4.02
O2A ANP F . 18.33 -16.33 -3.97
O3A ANP F . 19.16 -15.15 -2.02
O3A ANP F . 19.34 -14.22 -3.05
O5' ANP F . 20.30 -17.36 -2.16
O5' ANP F . 20.63 -16.33 -2.90
C5' ANP F . 21.62 -17.34 -1.55
C5' ANP F . 21.23 -17.03 -1.77
C4' ANP F . 22.51 -18.35 -2.23
C4' ANP F . 22.25 -18.03 -2.28
O4' ANP F . 21.79 -19.57 -2.47
O4' ANP F . 21.62 -19.32 -2.44
C3' ANP F . 23.04 -17.95 -3.62
C3' ANP F . 22.84 -17.72 -3.66
O3' ANP F . 24.22 -17.16 -3.52
O3' ANP F . 23.96 -16.85 -3.56
C2' ANP F . 23.33 -19.31 -4.25
C2' ANP F . 23.24 -19.11 -4.15
O2' ANP F . 24.61 -19.79 -3.91
O2' ANP F . 24.51 -19.50 -3.67
C1' ANP F . 22.25 -20.21 -3.64
C1' ANP F . 22.15 -20.01 -3.55
N9 ANP F . 21.10 -20.45 -4.52
N9 ANP F . 21.03 -20.31 -4.46
C8 ANP F . 19.91 -19.75 -4.55
C8 ANP F . 19.82 -19.66 -4.55
N7 ANP F . 19.07 -20.22 -5.44
N7 ANP F . 19.03 -20.18 -5.46
C5 ANP F . 19.74 -21.30 -6.02
C5 ANP F . 19.76 -21.25 -5.98
C6 ANP F . 19.38 -22.20 -7.04
C6 ANP F . 19.46 -22.19 -6.99
N6 ANP F . 18.21 -22.18 -7.67
N6 ANP F . 18.31 -22.23 -7.66
N1 ANP F . 20.29 -23.16 -7.37
N1 ANP F . 20.41 -23.11 -7.27
C2 ANP F . 21.47 -23.17 -6.74
C2 ANP F . 21.57 -23.07 -6.59
N3 ANP F . 21.92 -22.37 -5.77
N3 ANP F . 21.96 -22.23 -5.64
C4 ANP F . 20.99 -21.45 -5.45
C4 ANP F . 20.99 -21.33 -5.37
C1 PGE G . 0.94 -7.76 -24.98
O1 PGE G . 0.77 -6.58 -24.22
C2 PGE G . 2.38 -8.17 -25.04
O2 PGE G . 2.58 -9.23 -25.97
C3 PGE G . 3.92 -9.71 -25.98
C4 PGE G . 4.77 -8.96 -26.99
O4 PGE G . 4.60 -4.98 -25.30
C6 PGE G . 5.78 -5.71 -25.57
C5 PGE G . 5.58 -7.19 -25.62
O3 PGE G . 4.79 -7.56 -26.75
CL CL H . 13.96 4.09 -6.42
PG ANP I . -27.45 7.82 0.52
PG ANP I . -25.99 3.56 -0.21
O1G ANP I . -27.10 7.75 1.99
O1G ANP I . -24.94 3.75 0.86
O2G ANP I . -28.35 6.66 0.20
O2G ANP I . -27.06 2.63 0.35
O3G ANP I . -28.19 9.11 0.27
O3G ANP I . -25.36 2.87 -1.38
PB ANP I . -25.93 7.00 -1.84
PB ANP I . -26.06 6.06 -1.77
O1B ANP I . -24.82 7.57 -2.68
O1B ANP I . -25.30 7.19 -1.13
O2B ANP I . -25.97 5.52 -1.63
O2B ANP I . -25.46 5.37 -2.96
N3B ANP I . -26.11 7.80 -0.41
N3B ANP I . -26.63 5.00 -0.65
PA ANP I . -28.30 6.38 -3.44
PA ANP I . -28.94 6.18 -2.25
O1A ANP I . -28.16 4.98 -2.95
O1A ANP I . -29.18 5.66 -0.87
O2A ANP I . -28.10 6.63 -4.90
O2A ANP I . -29.17 5.26 -3.40
O3A ANP I . -27.29 7.31 -2.62
O3A ANP I . -27.43 6.72 -2.32
O5' ANP I . -29.74 6.94 -2.99
O5' ANP I . -29.80 7.53 -2.46
C5' ANP I . -30.12 8.31 -3.31
C5' ANP I . -29.84 8.18 -3.77
C4' ANP I . -31.52 8.35 -3.86
C4' ANP I . -31.26 8.56 -4.11
O4' ANP I . -31.49 8.10 -5.28
O4' ANP I . -31.47 8.38 -5.54
C3' ANP I . -32.50 7.32 -3.30
C3' ANP I . -32.37 7.73 -3.42
O3' ANP I . -33.13 7.78 -2.11
O3' ANP I . -32.90 8.44 -2.30
C2' ANP I . -33.52 7.19 -4.44
C2' ANP I . -33.43 7.58 -4.51
O2' ANP I . -34.51 8.19 -4.38
O2' ANP I . -34.38 8.62 -4.48
C1' ANP I . -32.64 7.37 -5.68
C1' ANP I . -32.62 7.61 -5.80
N9 ANP I . -32.19 6.12 -6.30
N9 ANP I . -32.18 6.31 -6.33
C8 ANP I . -30.99 5.47 -6.12
C8 ANP I . -30.98 5.68 -6.09
N7 ANP I . -30.90 4.37 -6.83
N7 ANP I . -30.87 4.54 -6.72
C5 ANP I . -32.10 4.29 -7.51
C5 ANP I . -32.07 4.41 -7.42
C6 ANP I . -32.61 3.34 -8.42
C6 ANP I . -32.56 3.41 -8.28
N6 ANP I . -31.95 2.26 -8.82
N6 ANP I . -31.89 2.31 -8.61
N1 ANP I . -33.85 3.57 -8.92
N1 ANP I . -33.80 3.61 -8.81
C2 ANP I . -34.52 4.66 -8.51
C2 ANP I . -34.46 4.72 -8.49
N3 ANP I . -34.14 5.61 -7.65
N3 ANP I . -34.11 5.72 -7.69
C4 ANP I . -32.91 5.36 -7.19
C4 ANP I . -32.88 5.50 -7.19
C1 EDO J . -23.63 2.59 -6.57
O1 EDO J . -23.57 3.15 -5.26
C2 EDO J . -24.13 1.19 -6.59
O2 EDO J . -25.50 1.05 -6.89
CL CL K . -45.66 -13.49 13.61
CL CL L . -34.78 0.39 51.76
#